data_6YS8
#
_entry.id   6YS8
#
loop_
_entity.id
_entity.type
_entity.pdbx_description
1 polymer GldM
2 polymer GldL
#
loop_
_entity_poly.entity_id
_entity_poly.type
_entity_poly.pdbx_seq_one_letter_code
_entity_poly.pdbx_strand_id
1 'polypeptide(L)'
;MAGGKLTPRQKMINLMYLVFIAMLAMNVSKEVISAFGLMNEKFEAANTSSVTTNESLLTSLDQKAAEAKGEFAKAAETAH
KVQAASKEFYDYIGTLKTQAVKGFEVDKETGKMPYEAMDRGDNIDDWFTGDGYTKKGNEIIAKIEKYKSDIKAALGTDKK
YAGIISEVEKKFDVSDVKNKEGIKEKYLAYHFKGFPAIASAAKLSAWQNDVKKTEADVYNSALGKAAVAAASYSNYQAIV
VLDKNAYFQGEKVTGKVVLGRYDENTKPTSFQGPGQIVNGQAVISLTAGGVGEQDINGQFTFLEDGKNIPLKFSGKYVVV
PRPNSATISADKMNVVYRGVVNPISVSFAGVDANKIVASAPGLSSAGKPGKYNMSPGQGTEATISVTGTLPNGDKVTDKK
TFRIKGIPGPTGTIRGEMGVVKGPKSNLEIATIGAKLLDFDFEVGLDVVGFNMKIAGQPTVVVTGNKMNAQCKSVLARAG
KGDQVTISEIKTKLVGAGSYLLPRTAPVIYEIQ
;
A,B
2 'polypeptide(L)'
;MALLSKKVMNFAYGMGAAVVIVGALFKITHFEIGPLTGTVMLSIGLLTEALIFALSAFEPVEDELDWTLVYPELANGQAR
KKEAKAETATDAQGLLSQKLDAMLKEAKVDGELMASLGNSIKNFEGAAKAISPTVDSIAGQKKYAEEMSMAAAQMESLNS
LYKVQLESASRNAQANSEIAENAAKLKEQMASMTANIASLNSVYGGMLSAMSNKG
;
G,F,E,D,C
#
# COMPACT_ATOMS: atom_id res chain seq x y z
N THR A 7 22.83 -18.05 24.59
CA THR A 7 21.75 -17.19 24.01
C THR A 7 20.38 -17.72 24.45
N PRO A 8 19.87 -17.33 25.65
CA PRO A 8 18.57 -17.80 26.14
C PRO A 8 17.42 -17.25 25.29
N ARG A 9 17.07 -15.98 25.48
CA ARG A 9 15.98 -15.32 24.72
C ARG A 9 16.57 -14.63 23.49
N GLN A 10 17.90 -14.70 23.33
CA GLN A 10 18.60 -14.08 22.17
C GLN A 10 18.09 -14.70 20.87
N LYS A 11 17.88 -16.03 20.87
CA LYS A 11 17.39 -16.76 19.67
C LYS A 11 16.14 -16.05 19.13
N MET A 12 15.16 -15.80 20.01
CA MET A 12 13.91 -15.10 19.62
C MET A 12 14.25 -13.81 18.86
N ILE A 13 15.13 -12.98 19.44
CA ILE A 13 15.55 -11.70 18.79
C ILE A 13 15.99 -11.98 17.35
N ASN A 14 17.06 -12.78 17.17
CA ASN A 14 17.51 -13.08 15.82
C ASN A 14 16.36 -13.59 14.95
N LEU A 15 15.44 -14.32 15.57
CA LEU A 15 14.24 -14.75 14.85
C LEU A 15 13.38 -13.57 14.46
N MET A 16 13.25 -12.58 15.36
CA MET A 16 12.49 -11.38 15.02
C MET A 16 13.17 -10.61 13.89
N TYR A 17 14.50 -10.58 13.90
CA TYR A 17 15.25 -9.97 12.81
C TYR A 17 14.96 -10.67 11.48
N LEU A 18 14.94 -12.00 11.50
CA LEU A 18 14.67 -12.78 10.30
C LEU A 18 13.23 -12.57 9.81
N VAL A 19 12.28 -12.52 10.75
CA VAL A 19 10.87 -12.37 10.41
C VAL A 19 10.62 -11.00 9.80
N PHE A 20 11.18 -9.95 10.39
CA PHE A 20 10.90 -8.62 9.88
C PHE A 20 11.81 -8.23 8.72
N ILE A 21 12.90 -8.96 8.50
CA ILE A 21 13.62 -8.77 7.24
C ILE A 21 12.94 -9.57 6.14
N ALA A 22 12.14 -10.57 6.51
CA ALA A 22 11.27 -11.18 5.52
C ALA A 22 10.03 -10.35 5.24
N MET A 23 9.50 -9.67 6.25
CA MET A 23 8.26 -8.91 6.10
C MET A 23 8.48 -7.54 5.50
N LEU A 24 9.74 -7.13 5.27
CA LEU A 24 10.00 -5.97 4.43
C LEU A 24 10.01 -6.33 2.96
N ALA A 25 9.52 -7.52 2.61
CA ALA A 25 9.20 -7.85 1.23
C ALA A 25 7.82 -7.32 0.87
N MET A 26 7.29 -7.83 -0.24
CA MET A 26 5.98 -7.44 -0.75
C MET A 26 4.89 -7.67 0.28
N ASN A 27 4.03 -6.68 0.46
CA ASN A 27 3.01 -6.73 1.49
C ASN A 27 1.61 -6.49 0.94
N VAL A 28 1.50 -5.76 -0.15
CA VAL A 28 0.24 -5.74 -0.87
C VAL A 28 0.18 -6.95 -1.80
N SER A 29 -1.01 -7.50 -1.97
CA SER A 29 -1.16 -8.89 -2.40
C SER A 29 -1.25 -9.02 -3.92
N LYS A 30 -1.39 -10.29 -4.36
CA LYS A 30 -1.47 -10.63 -5.79
C LYS A 30 -2.81 -10.21 -6.37
N GLU A 31 -3.79 -10.02 -5.49
CA GLU A 31 -4.99 -9.22 -5.60
C GLU A 31 -4.53 -7.79 -5.42
N VAL A 32 -5.16 -7.01 -4.53
CA VAL A 32 -5.43 -5.57 -4.55
C VAL A 32 -4.74 -4.69 -5.59
N ILE A 33 -3.43 -4.90 -5.86
CA ILE A 33 -2.80 -4.18 -6.97
C ILE A 33 -3.43 -4.55 -8.31
N SER A 34 -4.03 -5.74 -8.42
CA SER A 34 -4.86 -6.06 -9.56
C SER A 34 -6.05 -5.11 -9.68
N ALA A 35 -6.63 -4.71 -8.56
CA ALA A 35 -7.74 -3.76 -8.59
C ALA A 35 -7.24 -2.36 -8.91
N PHE A 36 -6.02 -2.06 -8.47
CA PHE A 36 -5.40 -0.78 -8.74
C PHE A 36 -5.20 -0.63 -10.23
N GLY A 37 -4.75 -1.69 -10.88
CA GLY A 37 -4.58 -1.64 -12.33
C GLY A 37 -5.89 -1.53 -13.08
N LEU A 38 -6.93 -2.21 -12.58
CA LEU A 38 -8.22 -2.17 -13.23
C LEU A 38 -8.82 -0.77 -13.16
N MET A 39 -8.85 -0.18 -11.97
CA MET A 39 -9.37 1.17 -11.88
C MET A 39 -8.41 2.21 -12.44
N ASN A 40 -7.13 1.88 -12.62
CA ASN A 40 -6.27 2.75 -13.40
C ASN A 40 -6.71 2.77 -14.85
N GLU A 41 -7.03 1.60 -15.42
CA GLU A 41 -7.55 1.53 -16.77
C GLU A 41 -8.91 2.25 -16.88
N LYS A 42 -9.74 2.10 -15.86
CA LYS A 42 -11.03 2.77 -15.83
C LYS A 42 -10.87 4.29 -15.76
N PHE A 43 -9.97 4.76 -14.90
CA PHE A 43 -9.73 6.19 -14.76
C PHE A 43 -9.16 6.78 -16.03
N GLU A 44 -8.27 6.04 -16.70
CA GLU A 44 -7.67 6.57 -17.93
C GLU A 44 -8.64 6.58 -19.10
N ALA A 45 -9.48 5.56 -19.24
CA ALA A 45 -10.53 5.61 -20.25
C ALA A 45 -11.54 6.71 -19.94
N ALA A 46 -11.83 6.93 -18.66
CA ALA A 46 -12.77 7.96 -18.27
C ALA A 46 -12.23 9.36 -18.53
N ASN A 47 -10.94 9.61 -18.26
CA ASN A 47 -10.44 10.95 -18.49
C ASN A 47 -10.20 11.21 -19.96
N THR A 48 -9.92 10.15 -20.74
CA THR A 48 -9.87 10.29 -22.19
C THR A 48 -11.23 10.70 -22.76
N SER A 49 -12.28 10.00 -22.31
CA SER A 49 -13.64 10.37 -22.71
C SER A 49 -14.01 11.78 -22.25
N SER A 50 -13.55 12.18 -21.07
CA SER A 50 -13.93 13.48 -20.53
C SER A 50 -13.24 14.60 -21.30
N VAL A 51 -11.97 14.41 -21.66
CA VAL A 51 -11.28 15.49 -22.40
C VAL A 51 -11.84 15.58 -23.82
N THR A 52 -12.24 14.44 -24.40
CA THR A 52 -12.80 14.48 -25.75
C THR A 52 -14.19 15.12 -25.77
N THR A 53 -14.93 15.05 -24.66
CA THR A 53 -16.18 15.80 -24.64
C THR A 53 -15.99 17.21 -24.10
N ASN A 54 -14.91 17.45 -23.34
CA ASN A 54 -14.63 18.79 -22.83
C ASN A 54 -14.26 19.74 -23.95
N GLU A 55 -13.59 19.21 -24.98
CA GLU A 55 -13.31 20.01 -26.17
C GLU A 55 -14.60 20.51 -26.82
N SER A 56 -15.60 19.64 -26.93
CA SER A 56 -16.89 20.05 -27.48
C SER A 56 -17.66 20.97 -26.55
N LEU A 57 -17.52 20.79 -25.23
CA LEU A 57 -18.14 21.71 -24.28
C LEU A 57 -17.59 23.12 -24.42
N LEU A 58 -16.26 23.25 -24.48
CA LEU A 58 -15.68 24.59 -24.62
C LEU A 58 -15.92 25.14 -26.02
N THR A 59 -16.08 24.27 -27.01
CA THR A 59 -16.41 24.72 -28.36
C THR A 59 -17.80 25.34 -28.41
N SER A 60 -18.79 24.66 -27.81
CA SER A 60 -20.12 25.25 -27.69
C SER A 60 -20.12 26.50 -26.82
N LEU A 61 -19.24 26.52 -25.82
CA LEU A 61 -19.17 27.65 -24.90
C LEU A 61 -18.67 28.91 -25.60
N ASP A 62 -17.53 28.81 -26.30
CA ASP A 62 -17.00 30.00 -26.95
C ASP A 62 -17.77 30.30 -28.24
N GLN A 63 -18.49 29.32 -28.76
CA GLN A 63 -19.40 29.60 -29.87
C GLN A 63 -20.57 30.47 -29.43
N LYS A 64 -21.19 30.13 -28.29
CA LYS A 64 -22.24 30.97 -27.74
C LYS A 64 -21.71 32.32 -27.26
N ALA A 65 -20.45 32.34 -26.81
CA ALA A 65 -19.82 33.61 -26.42
C ALA A 65 -19.57 34.50 -27.64
N ALA A 66 -19.16 33.91 -28.76
CA ALA A 66 -18.96 34.69 -29.97
C ALA A 66 -20.28 35.12 -30.59
N GLU A 67 -21.35 34.36 -30.35
CA GLU A 67 -22.68 34.80 -30.78
C GLU A 67 -23.14 36.00 -29.95
N ALA A 68 -23.13 35.87 -28.63
CA ALA A 68 -23.50 36.97 -27.75
C ALA A 68 -22.47 37.07 -26.63
N LYS A 69 -21.92 38.26 -26.44
CA LYS A 69 -20.96 38.50 -25.39
C LYS A 69 -21.67 38.84 -24.08
N GLY A 70 -20.88 39.35 -23.12
CA GLY A 70 -21.39 39.78 -21.84
C GLY A 70 -21.02 38.81 -20.74
N GLU A 71 -22.04 38.27 -20.06
CA GLU A 71 -21.82 37.20 -19.10
C GLU A 71 -21.29 35.94 -19.76
N PHE A 72 -21.75 35.66 -20.99
CA PHE A 72 -21.20 34.59 -21.80
C PHE A 72 -19.72 34.79 -22.09
N ALA A 73 -19.34 36.03 -22.41
CA ALA A 73 -17.95 36.33 -22.71
C ALA A 73 -17.08 36.23 -21.47
N LYS A 74 -17.57 36.72 -20.33
CA LYS A 74 -16.82 36.63 -19.08
C LYS A 74 -16.66 35.17 -18.64
N ALA A 75 -17.71 34.37 -18.84
CA ALA A 75 -17.63 32.95 -18.59
C ALA A 75 -16.62 32.29 -19.51
N ALA A 76 -16.55 32.75 -20.76
CA ALA A 76 -15.57 32.21 -21.69
C ALA A 76 -14.14 32.58 -21.29
N GLU A 77 -13.95 33.79 -20.76
CA GLU A 77 -12.61 34.21 -20.34
C GLU A 77 -12.14 33.42 -19.12
N THR A 78 -13.00 33.28 -18.12
CA THR A 78 -12.60 32.47 -16.97
C THR A 78 -12.50 31.00 -17.33
N ALA A 79 -13.25 30.55 -18.33
CA ALA A 79 -13.15 29.18 -18.81
C ALA A 79 -11.82 28.95 -19.52
N HIS A 80 -11.36 29.91 -20.32
CA HIS A 80 -10.10 29.74 -21.01
C HIS A 80 -8.92 29.87 -20.05
N LYS A 81 -9.06 30.70 -19.01
CA LYS A 81 -8.02 30.81 -18.00
C LYS A 81 -7.89 29.52 -17.20
N VAL A 82 -9.03 28.97 -16.77
CA VAL A 82 -8.98 27.70 -16.05
C VAL A 82 -8.63 26.56 -17.00
N GLN A 83 -8.86 26.75 -18.29
CA GLN A 83 -8.48 25.76 -19.29
C GLN A 83 -6.97 25.69 -19.43
N ALA A 84 -6.32 26.85 -19.51
CA ALA A 84 -4.87 26.90 -19.62
C ALA A 84 -4.22 26.40 -18.34
N ALA A 85 -4.74 26.82 -17.18
CA ALA A 85 -4.16 26.40 -15.91
C ALA A 85 -4.36 24.90 -15.68
N SER A 86 -5.55 24.39 -15.98
CA SER A 86 -5.83 22.98 -15.81
C SER A 86 -5.07 22.14 -16.82
N LYS A 87 -4.82 22.66 -18.02
CA LYS A 87 -4.02 21.91 -18.99
C LYS A 87 -2.56 21.87 -18.58
N GLU A 88 -2.06 22.97 -17.99
CA GLU A 88 -0.71 22.98 -17.44
C GLU A 88 -0.56 21.95 -16.32
N PHE A 89 -1.50 21.97 -15.37
CA PHE A 89 -1.47 21.00 -14.27
C PHE A 89 -1.71 19.59 -14.77
N TYR A 90 -2.53 19.44 -15.81
CA TYR A 90 -2.90 18.15 -16.35
C TYR A 90 -1.71 17.47 -17.01
N ASP A 91 -1.01 18.19 -17.90
CA ASP A 91 0.20 17.63 -18.49
C ASP A 91 1.34 17.52 -17.49
N TYR A 92 1.35 18.32 -16.42
CA TYR A 92 2.37 18.11 -15.40
C TYR A 92 2.13 16.81 -14.65
N ILE A 93 0.87 16.54 -14.29
CA ILE A 93 0.54 15.25 -13.66
C ILE A 93 0.78 14.11 -14.64
N GLY A 94 0.61 14.37 -15.94
CA GLY A 94 0.99 13.37 -16.93
C GLY A 94 2.48 13.09 -16.94
N THR A 95 3.29 14.14 -16.76
CA THR A 95 4.74 13.96 -16.64
C THR A 95 5.07 13.14 -15.40
N LEU A 96 4.40 13.43 -14.28
CA LEU A 96 4.62 12.65 -13.05
C LEU A 96 4.16 11.22 -13.22
N LYS A 97 3.10 10.98 -14.00
CA LYS A 97 2.60 9.62 -14.18
C LYS A 97 3.54 8.82 -15.07
N THR A 98 4.07 9.43 -16.12
CA THR A 98 5.07 8.76 -16.95
C THR A 98 6.36 8.53 -16.18
N GLN A 99 6.71 9.43 -15.27
CA GLN A 99 7.82 9.19 -14.37
C GLN A 99 7.50 8.08 -13.38
N ALA A 100 6.22 7.90 -13.06
CA ALA A 100 5.82 6.88 -12.10
C ALA A 100 5.85 5.48 -12.71
N VAL A 101 5.43 5.34 -13.97
CA VAL A 101 5.44 4.04 -14.63
C VAL A 101 6.63 3.88 -15.57
N LYS A 102 7.59 4.80 -15.52
CA LYS A 102 8.81 4.67 -16.30
C LYS A 102 9.65 3.52 -15.76
N GLY A 103 10.01 2.59 -16.64
CA GLY A 103 10.83 1.46 -16.25
C GLY A 103 10.20 0.12 -16.52
N PHE A 104 8.89 0.02 -16.28
CA PHE A 104 8.16 -1.21 -16.57
C PHE A 104 7.62 -1.15 -17.99
N GLU A 105 8.01 -2.13 -18.80
CA GLU A 105 7.60 -2.16 -20.20
C GLU A 105 6.11 -2.45 -20.31
N VAL A 106 5.41 -1.66 -21.11
CA VAL A 106 4.03 -1.97 -21.44
C VAL A 106 4.00 -3.23 -22.28
N ASP A 107 3.26 -4.23 -21.82
CA ASP A 107 3.15 -5.49 -22.55
C ASP A 107 2.35 -5.27 -23.82
N LYS A 108 2.82 -5.88 -24.91
CA LYS A 108 2.21 -5.71 -26.22
C LYS A 108 0.99 -6.61 -26.33
N GLU A 109 0.42 -6.67 -27.54
CA GLU A 109 -0.78 -7.46 -27.89
C GLU A 109 -1.99 -7.11 -27.04
N THR A 110 -1.95 -7.43 -25.74
CA THR A 110 -3.07 -7.16 -24.85
C THR A 110 -3.25 -5.67 -24.62
N GLY A 111 -2.23 -5.01 -24.09
CA GLY A 111 -2.31 -3.57 -23.89
C GLY A 111 -2.25 -3.14 -22.45
N LYS A 112 -2.16 -4.10 -21.53
CA LYS A 112 -2.05 -3.81 -20.11
C LYS A 112 -0.64 -4.07 -19.62
N MET A 113 -0.18 -3.21 -18.72
CA MET A 113 1.12 -3.37 -18.09
C MET A 113 1.09 -4.57 -17.16
N PRO A 114 2.25 -5.15 -16.83
CA PRO A 114 2.24 -6.25 -15.86
C PRO A 114 1.96 -5.75 -14.45
N TYR A 115 0.73 -5.95 -14.00
CA TYR A 115 0.31 -5.47 -12.70
C TYR A 115 0.87 -6.31 -11.56
N GLU A 116 1.30 -7.53 -11.83
CA GLU A 116 2.00 -8.30 -10.82
C GLU A 116 3.42 -7.82 -10.61
N ALA A 117 3.95 -7.02 -11.54
CA ALA A 117 5.32 -6.53 -11.46
C ALA A 117 5.43 -5.18 -10.78
N MET A 118 4.51 -4.26 -11.07
CA MET A 118 4.57 -2.92 -10.51
C MET A 118 4.02 -2.96 -9.10
N ASP A 119 4.85 -3.37 -8.15
CA ASP A 119 4.41 -3.39 -6.75
C ASP A 119 5.38 -2.67 -5.83
N ARG A 120 6.29 -1.88 -6.38
CA ARG A 120 7.24 -1.11 -5.60
C ARG A 120 7.26 0.32 -6.11
N GLY A 121 7.21 1.27 -5.19
CA GLY A 121 7.21 2.66 -5.59
C GLY A 121 8.60 3.25 -5.67
N ASP A 122 9.48 2.63 -6.45
CA ASP A 122 10.85 3.12 -6.54
C ASP A 122 10.98 4.27 -7.51
N ASN A 123 10.08 4.40 -8.48
CA ASN A 123 10.21 5.44 -9.48
C ASN A 123 9.94 6.82 -8.91
N ILE A 124 9.16 6.90 -7.83
CA ILE A 124 8.89 8.15 -7.16
C ILE A 124 9.65 8.27 -5.85
N ASP A 125 10.77 7.56 -5.71
CA ASP A 125 11.58 7.71 -4.51
C ASP A 125 12.35 9.03 -4.53
N ASP A 126 12.57 9.60 -5.71
CA ASP A 126 13.24 10.89 -5.80
C ASP A 126 12.30 12.06 -5.56
N TRP A 127 11.06 11.80 -5.19
CA TRP A 127 10.13 12.90 -4.98
C TRP A 127 10.33 13.58 -3.64
N PHE A 128 10.85 12.87 -2.64
CA PHE A 128 10.98 13.46 -1.32
C PHE A 128 12.11 12.80 -0.55
N THR A 129 12.69 13.58 0.37
CA THR A 129 13.85 13.16 1.15
C THR A 129 13.46 12.60 2.51
N GLY A 130 12.34 11.91 2.60
CA GLY A 130 11.96 11.29 3.86
C GLY A 130 10.99 12.13 4.67
N ASP A 131 11.52 12.90 5.62
CA ASP A 131 10.70 13.73 6.48
C ASP A 131 9.98 14.81 5.68
N GLY A 132 10.65 15.39 4.70
CA GLY A 132 10.08 16.43 3.88
C GLY A 132 10.29 16.16 2.40
N TYR A 133 9.82 17.10 1.60
CA TYR A 133 9.99 17.02 0.15
C TYR A 133 11.41 17.41 -0.21
N THR A 134 11.77 17.17 -1.46
CA THR A 134 13.05 17.64 -1.99
C THR A 134 12.75 18.65 -3.09
N LYS A 135 13.78 19.06 -3.83
CA LYS A 135 13.61 19.99 -4.93
C LYS A 135 13.15 19.29 -6.22
N LYS A 136 12.55 18.12 -6.10
CA LYS A 136 11.64 17.57 -7.10
C LYS A 136 10.20 17.62 -6.64
N GLY A 137 9.94 17.45 -5.34
CA GLY A 137 8.57 17.41 -4.85
C GLY A 137 8.05 18.73 -4.33
N ASN A 138 8.96 19.63 -3.95
CA ASN A 138 8.53 20.95 -3.52
C ASN A 138 7.88 21.72 -4.66
N GLU A 139 8.30 21.50 -5.89
CA GLU A 139 7.58 22.12 -6.99
C GLU A 139 6.30 21.39 -7.34
N ILE A 140 6.14 20.12 -6.94
CA ILE A 140 4.82 19.51 -7.05
C ILE A 140 3.85 20.18 -6.10
N ILE A 141 4.30 20.40 -4.86
CA ILE A 141 3.50 21.13 -3.88
C ILE A 141 3.23 22.55 -4.37
N ALA A 142 4.24 23.19 -4.98
CA ALA A 142 4.07 24.52 -5.52
C ALA A 142 3.13 24.52 -6.70
N LYS A 143 3.11 23.44 -7.49
CA LYS A 143 2.19 23.36 -8.61
C LYS A 143 0.76 23.19 -8.14
N ILE A 144 0.55 22.40 -7.08
CA ILE A 144 -0.78 22.21 -6.54
C ILE A 144 -1.31 23.51 -5.94
N GLU A 145 -0.47 24.18 -5.14
CA GLU A 145 -0.87 25.46 -4.56
C GLU A 145 -1.04 26.54 -5.62
N LYS A 146 -0.24 26.47 -6.68
CA LYS A 146 -0.39 27.39 -7.80
C LYS A 146 -1.70 27.14 -8.52
N TYR A 147 -2.09 25.88 -8.67
CA TYR A 147 -3.35 25.52 -9.31
C TYR A 147 -4.54 26.02 -8.50
N LYS A 148 -4.49 25.81 -7.18
CA LYS A 148 -5.54 26.31 -6.30
C LYS A 148 -5.64 27.82 -6.36
N SER A 149 -4.49 28.51 -6.32
CA SER A 149 -4.52 29.96 -6.30
C SER A 149 -4.91 30.55 -7.65
N ASP A 150 -4.56 29.89 -8.76
CA ASP A 150 -4.95 30.47 -10.04
C ASP A 150 -6.42 30.24 -10.33
N ILE A 151 -6.98 29.10 -9.90
CA ILE A 151 -8.42 28.93 -9.98
C ILE A 151 -9.13 29.94 -9.10
N LYS A 152 -8.65 30.10 -7.86
CA LYS A 152 -9.31 31.02 -6.93
C LYS A 152 -9.14 32.48 -7.35
N ALA A 153 -8.10 32.79 -8.12
CA ALA A 153 -7.91 34.15 -8.62
C ALA A 153 -8.68 34.42 -9.90
N ALA A 154 -8.72 33.46 -10.82
CA ALA A 154 -9.49 33.65 -12.05
C ALA A 154 -10.98 33.48 -11.77
N LEU A 155 -11.38 32.28 -11.36
CA LEU A 155 -12.73 32.01 -10.89
C LEU A 155 -12.82 32.55 -9.47
N GLY A 156 -13.25 33.80 -9.36
CA GLY A 156 -13.30 34.46 -8.07
C GLY A 156 -14.47 35.42 -7.96
N THR A 157 -14.80 35.74 -6.70
CA THR A 157 -15.88 36.66 -6.29
C THR A 157 -17.21 36.35 -6.98
N ASP A 158 -17.60 35.08 -6.96
CA ASP A 158 -18.85 34.67 -7.56
C ASP A 158 -19.50 33.59 -6.70
N LYS A 159 -20.82 33.68 -6.55
CA LYS A 159 -21.57 32.73 -5.75
C LYS A 159 -21.92 31.47 -6.53
N LYS A 160 -22.03 31.55 -7.86
CA LYS A 160 -22.37 30.39 -8.66
C LYS A 160 -21.20 29.43 -8.83
N TYR A 161 -19.98 29.89 -8.53
CA TYR A 161 -18.79 29.07 -8.58
C TYR A 161 -18.19 28.83 -7.21
N ALA A 162 -18.86 29.30 -6.15
CA ALA A 162 -18.36 29.12 -4.80
C ALA A 162 -18.34 27.64 -4.42
N GLY A 163 -19.37 26.91 -4.84
CA GLY A 163 -19.36 25.46 -4.66
C GLY A 163 -18.23 24.78 -5.40
N ILE A 164 -17.90 25.28 -6.59
CA ILE A 164 -16.83 24.71 -7.40
C ILE A 164 -15.48 24.93 -6.75
N ILE A 165 -15.23 26.16 -6.28
CA ILE A 165 -13.91 26.42 -5.71
C ILE A 165 -13.80 25.79 -4.32
N SER A 166 -14.91 25.64 -3.60
CA SER A 166 -14.85 24.93 -2.33
C SER A 166 -14.60 23.45 -2.55
N GLU A 167 -15.17 22.88 -3.62
CA GLU A 167 -14.88 21.48 -3.92
C GLU A 167 -13.46 21.28 -4.41
N VAL A 168 -12.90 22.29 -5.09
CA VAL A 168 -11.50 22.22 -5.50
C VAL A 168 -10.58 22.25 -4.29
N GLU A 169 -10.84 23.17 -3.37
CA GLU A 169 -10.04 23.22 -2.15
C GLU A 169 -10.35 22.05 -1.22
N LYS A 170 -11.48 21.38 -1.40
CA LYS A 170 -11.77 20.16 -0.65
C LYS A 170 -11.07 18.95 -1.27
N LYS A 171 -10.80 18.99 -2.57
CA LYS A 171 -10.09 17.88 -3.19
C LYS A 171 -8.58 18.04 -3.08
N PHE A 172 -8.09 19.27 -2.94
CA PHE A 172 -6.66 19.52 -3.00
C PHE A 172 -6.12 20.17 -1.74
N ASP A 173 -6.47 19.64 -0.57
CA ASP A 173 -5.90 20.13 0.68
C ASP A 173 -4.44 19.74 0.75
N VAL A 174 -3.56 20.70 0.44
CA VAL A 174 -2.13 20.46 0.51
C VAL A 174 -1.67 20.35 1.95
N SER A 175 -2.46 20.86 2.89
CA SER A 175 -2.14 20.81 4.30
C SER A 175 -2.10 19.37 4.80
N ASP A 176 -1.38 19.17 5.89
CA ASP A 176 -1.10 17.84 6.42
C ASP A 176 -2.39 17.15 6.87
N VAL A 177 -2.38 15.83 6.82
CA VAL A 177 -3.56 15.04 7.14
C VAL A 177 -3.22 14.06 8.26
N LYS A 178 -4.24 13.74 9.04
CA LYS A 178 -4.09 12.80 10.14
C LYS A 178 -4.39 11.39 9.65
N ASN A 179 -3.53 10.46 10.02
CA ASN A 179 -3.68 9.06 9.64
C ASN A 179 -4.66 8.37 10.58
N LYS A 180 -4.63 7.03 10.60
CA LYS A 180 -5.54 6.25 11.45
C LYS A 180 -5.35 6.55 12.94
N GLU A 181 -4.15 6.97 13.33
CA GLU A 181 -3.94 7.34 14.73
C GLU A 181 -4.37 8.77 14.99
N GLY A 182 -3.99 9.70 14.13
CA GLY A 182 -4.37 11.09 14.33
C GLY A 182 -3.19 12.02 14.24
N ILE A 183 -1.99 11.47 14.09
CA ILE A 183 -0.80 12.30 13.93
C ILE A 183 -0.71 12.76 12.48
N LYS A 184 -0.26 13.99 12.29
CA LYS A 184 -0.27 14.60 10.97
C LYS A 184 0.99 14.24 10.20
N GLU A 185 0.88 14.30 8.88
CA GLU A 185 2.01 13.99 8.00
C GLU A 185 1.78 14.73 6.69
N LYS A 186 2.88 15.07 6.02
CA LYS A 186 2.87 15.84 4.78
C LYS A 186 2.05 15.16 3.70
N TYR A 187 1.55 15.98 2.76
CA TYR A 187 0.51 15.53 1.85
C TYR A 187 1.02 14.51 0.85
N LEU A 188 2.17 14.78 0.23
CA LEU A 188 2.71 13.80 -0.70
C LEU A 188 3.53 12.74 0.00
N ALA A 189 3.55 12.72 1.32
CA ALA A 189 4.13 11.58 2.00
C ALA A 189 3.06 10.61 2.47
N TYR A 190 1.86 11.10 2.75
CA TYR A 190 0.77 10.22 3.12
C TYR A 190 0.25 9.47 1.90
N HIS A 191 0.23 10.13 0.75
CA HIS A 191 -0.40 9.59 -0.43
C HIS A 191 0.56 8.87 -1.38
N PHE A 192 1.87 9.05 -1.27
CA PHE A 192 2.75 8.48 -2.27
C PHE A 192 3.99 7.78 -1.76
N LYS A 193 4.30 7.84 -0.47
CA LYS A 193 5.53 7.23 0.02
C LYS A 193 5.30 5.74 0.17
N GLY A 194 5.93 4.95 -0.69
CA GLY A 194 5.90 3.52 -0.54
C GLY A 194 4.63 2.85 -1.00
N PHE A 195 3.84 3.49 -1.86
CA PHE A 195 2.72 2.81 -2.47
C PHE A 195 3.22 1.87 -3.55
N PRO A 196 2.34 1.01 -4.08
CA PRO A 196 2.64 0.39 -5.37
C PRO A 196 2.74 1.45 -6.45
N ALA A 197 3.63 1.19 -7.42
CA ALA A 197 3.80 2.12 -8.53
C ALA A 197 2.55 2.19 -9.38
N ILE A 198 1.80 1.09 -9.46
CA ILE A 198 0.51 1.14 -10.13
C ILE A 198 -0.48 1.94 -9.29
N ALA A 199 -0.33 1.91 -7.96
CA ALA A 199 -1.24 2.66 -7.11
C ALA A 199 -0.97 4.15 -7.21
N SER A 200 0.31 4.53 -7.32
CA SER A 200 0.66 5.94 -7.47
C SER A 200 0.21 6.46 -8.82
N ALA A 201 0.32 5.64 -9.86
CA ALA A 201 -0.18 6.02 -11.17
C ALA A 201 -1.70 6.10 -11.16
N ALA A 202 -2.34 5.23 -10.39
CA ALA A 202 -3.79 5.26 -10.27
C ALA A 202 -4.26 6.52 -9.57
N LYS A 203 -3.60 6.89 -8.48
CA LYS A 203 -3.97 8.09 -7.76
C LYS A 203 -3.66 9.35 -8.55
N LEU A 204 -2.59 9.33 -9.34
CA LEU A 204 -2.28 10.50 -10.18
C LEU A 204 -3.28 10.63 -11.32
N SER A 205 -3.70 9.49 -11.90
CA SER A 205 -4.77 9.54 -12.88
C SER A 205 -6.10 9.92 -12.24
N ALA A 206 -6.28 9.61 -10.97
CA ALA A 206 -7.46 10.09 -10.25
C ALA A 206 -7.43 11.60 -10.09
N TRP A 207 -6.24 12.15 -9.84
CA TRP A 207 -6.08 13.60 -9.81
C TRP A 207 -6.37 14.21 -11.16
N GLN A 208 -5.98 13.52 -12.24
CA GLN A 208 -6.34 13.96 -13.58
C GLN A 208 -7.86 13.91 -13.78
N ASN A 209 -8.51 12.91 -13.20
CA ASN A 209 -9.97 12.82 -13.28
C ASN A 209 -10.63 13.96 -12.52
N ASP A 210 -10.09 14.33 -11.36
CA ASP A 210 -10.66 15.45 -10.62
C ASP A 210 -10.40 16.77 -11.34
N VAL A 211 -9.26 16.89 -12.03
CA VAL A 211 -8.97 18.09 -12.80
C VAL A 211 -9.94 18.22 -13.96
N LYS A 212 -10.20 17.12 -14.67
CA LYS A 212 -11.13 17.19 -15.78
C LYS A 212 -12.57 17.33 -15.29
N LYS A 213 -12.88 16.83 -14.10
CA LYS A 213 -14.20 17.04 -13.51
C LYS A 213 -14.39 18.50 -13.12
N THR A 214 -13.33 19.13 -12.60
CA THR A 214 -13.33 20.56 -12.31
C THR A 214 -13.56 21.37 -13.58
N GLU A 215 -12.87 21.00 -14.66
CA GLU A 215 -13.08 21.67 -15.93
C GLU A 215 -14.49 21.45 -16.46
N ALA A 216 -15.03 20.26 -16.24
CA ALA A 216 -16.36 19.92 -16.75
C ALA A 216 -17.44 20.72 -16.04
N ASP A 217 -17.39 20.79 -14.71
CA ASP A 217 -18.49 21.52 -14.07
C ASP A 217 -18.25 23.02 -14.04
N VAL A 218 -17.02 23.50 -14.29
CA VAL A 218 -16.91 24.94 -14.49
C VAL A 218 -17.40 25.30 -15.88
N TYR A 219 -17.32 24.36 -16.84
CA TYR A 219 -17.92 24.62 -18.15
C TYR A 219 -19.44 24.55 -18.08
N ASN A 220 -19.96 23.58 -17.33
CA ASN A 220 -21.41 23.45 -17.17
C ASN A 220 -21.97 24.63 -16.40
N SER A 221 -21.24 25.13 -15.42
CA SER A 221 -21.69 26.32 -14.69
C SER A 221 -21.52 27.57 -15.54
N ALA A 222 -20.63 27.54 -16.54
CA ALA A 222 -20.49 28.67 -17.44
C ALA A 222 -21.70 28.79 -18.36
N LEU A 223 -22.31 27.66 -18.70
CA LEU A 223 -23.48 27.68 -19.57
C LEU A 223 -24.77 27.56 -18.77
N GLY A 224 -24.70 26.90 -17.61
CA GLY A 224 -25.88 26.74 -16.77
C GLY A 224 -26.25 28.00 -16.02
N THR B 7 30.97 -10.09 20.34
CA THR B 7 29.67 -10.18 19.70
C THR B 7 29.53 -9.14 18.59
N PRO B 8 30.24 -9.30 17.46
CA PRO B 8 30.24 -8.31 16.38
C PRO B 8 28.89 -8.11 15.66
N ARG B 9 28.38 -9.15 15.00
CA ARG B 9 27.10 -9.07 14.25
C ARG B 9 25.94 -8.85 15.23
N GLN B 10 26.04 -9.43 16.42
CA GLN B 10 24.98 -9.33 17.47
C GLN B 10 24.54 -7.87 17.65
N LYS B 11 25.44 -7.00 18.11
CA LYS B 11 25.09 -5.60 18.34
C LYS B 11 24.35 -5.03 17.14
N MET B 12 24.82 -5.37 15.94
CA MET B 12 24.13 -5.07 14.70
C MET B 12 22.71 -5.61 14.72
N ILE B 13 22.54 -6.84 15.16
CA ILE B 13 21.23 -7.45 15.07
C ILE B 13 20.30 -6.90 16.15
N ASN B 14 20.84 -6.52 17.31
CA ASN B 14 20.00 -5.96 18.36
C ASN B 14 19.56 -4.54 18.02
N LEU B 15 20.37 -3.81 17.26
CA LEU B 15 19.92 -2.50 16.82
C LEU B 15 18.98 -2.63 15.64
N MET B 16 19.38 -3.39 14.62
CA MET B 16 18.65 -3.48 13.38
C MET B 16 17.32 -4.20 13.52
N TYR B 17 17.14 -4.97 14.60
CA TYR B 17 15.82 -5.49 14.94
C TYR B 17 14.81 -4.37 15.17
N LEU B 18 15.16 -3.41 16.03
CA LEU B 18 14.26 -2.29 16.28
C LEU B 18 14.19 -1.34 15.10
N VAL B 19 15.27 -1.20 14.34
CA VAL B 19 15.19 -0.38 13.13
C VAL B 19 14.25 -1.02 12.10
N PHE B 20 14.25 -2.35 11.99
CA PHE B 20 13.33 -3.01 11.09
C PHE B 20 11.90 -3.03 11.62
N ILE B 21 11.73 -2.99 12.95
CA ILE B 21 10.41 -2.71 13.52
C ILE B 21 9.91 -1.35 13.05
N ALA B 22 10.78 -0.34 13.09
CA ALA B 22 10.41 0.98 12.58
C ALA B 22 10.16 0.96 11.08
N MET B 23 10.88 0.10 10.35
CA MET B 23 10.67 -0.04 8.92
C MET B 23 9.31 -0.64 8.61
N LEU B 24 8.93 -1.68 9.35
CA LEU B 24 7.62 -2.29 9.17
C LEU B 24 6.52 -1.33 9.61
N ALA B 25 6.76 -0.57 10.67
CA ALA B 25 5.79 0.41 11.12
C ALA B 25 5.60 1.52 10.10
N MET B 26 6.66 1.88 9.40
CA MET B 26 6.51 2.79 8.27
C MET B 26 5.87 2.09 7.08
N ASN B 27 5.98 0.76 7.02
CA ASN B 27 5.41 0.02 5.89
C ASN B 27 3.91 -0.21 6.09
N VAL B 28 3.51 -0.73 7.25
CA VAL B 28 2.11 -1.08 7.47
C VAL B 28 1.22 0.14 7.62
N SER B 29 1.71 1.16 8.32
CA SER B 29 0.91 2.40 8.47
C SER B 29 0.45 2.82 7.07
N LYS B 30 1.07 3.87 6.52
CA LYS B 30 0.74 4.37 5.16
C LYS B 30 -0.79 4.53 5.02
N GLU B 31 -1.35 3.95 3.96
CA GLU B 31 -2.82 4.01 3.71
C GLU B 31 -3.20 2.91 2.72
N VAL B 32 -2.50 2.86 1.58
CA VAL B 32 -2.68 1.89 0.45
C VAL B 32 -4.15 1.45 0.30
N ILE B 33 -4.62 0.50 1.10
CA ILE B 33 -6.03 0.01 1.03
C ILE B 33 -6.98 1.21 1.11
N SER B 34 -6.72 2.17 2.00
CA SER B 34 -7.63 3.29 2.11
C SER B 34 -7.68 4.14 0.85
N ALA B 35 -6.82 3.86 -0.13
CA ALA B 35 -6.80 4.66 -1.35
C ALA B 35 -8.07 4.47 -2.16
N PHE B 36 -8.73 3.32 -2.01
CA PHE B 36 -9.97 3.08 -2.72
C PHE B 36 -11.07 3.99 -2.23
N GLY B 37 -11.01 4.40 -0.97
CA GLY B 37 -12.09 5.18 -0.40
C GLY B 37 -12.22 6.54 -1.02
N LEU B 38 -11.08 7.17 -1.35
CA LEU B 38 -11.14 8.36 -2.16
C LEU B 38 -11.57 8.04 -3.58
N MET B 39 -11.12 6.89 -4.10
CA MET B 39 -11.55 6.47 -5.44
C MET B 39 -13.02 6.08 -5.46
N ASN B 40 -13.49 5.39 -4.41
CA ASN B 40 -14.91 5.05 -4.32
C ASN B 40 -15.75 6.30 -4.13
N GLU B 41 -15.21 7.30 -3.42
CA GLU B 41 -15.94 8.54 -3.20
C GLU B 41 -16.03 9.35 -4.50
N LYS B 42 -14.95 9.35 -5.29
CA LYS B 42 -14.98 10.01 -6.59
C LYS B 42 -15.91 9.28 -7.54
N PHE B 43 -15.94 7.95 -7.48
CA PHE B 43 -16.85 7.20 -8.32
C PHE B 43 -18.29 7.43 -7.93
N GLU B 44 -18.58 7.50 -6.63
CA GLU B 44 -19.95 7.71 -6.18
C GLU B 44 -20.41 9.13 -6.47
N ALA B 45 -19.50 10.10 -6.39
CA ALA B 45 -19.85 11.46 -6.78
C ALA B 45 -20.08 11.54 -8.29
N ALA B 46 -19.32 10.77 -9.07
CA ALA B 46 -19.55 10.72 -10.50
C ALA B 46 -20.89 10.06 -10.82
N ASN B 47 -21.27 9.05 -10.04
CA ASN B 47 -22.58 8.42 -10.20
C ASN B 47 -23.69 9.39 -9.86
N THR B 48 -23.54 10.14 -8.77
CA THR B 48 -24.56 11.10 -8.36
C THR B 48 -24.67 12.26 -9.34
N SER B 49 -23.58 12.62 -10.00
CA SER B 49 -23.67 13.64 -11.05
C SER B 49 -24.29 13.08 -12.31
N SER B 50 -23.92 11.84 -12.67
CA SER B 50 -24.35 11.29 -13.94
C SER B 50 -25.82 10.91 -13.93
N VAL B 51 -26.35 10.52 -12.77
CA VAL B 51 -27.77 10.18 -12.71
C VAL B 51 -28.61 11.44 -12.92
N THR B 52 -28.14 12.59 -12.42
CA THR B 52 -28.90 13.82 -12.58
C THR B 52 -28.79 14.36 -14.00
N THR B 53 -27.58 14.35 -14.58
CA THR B 53 -27.46 14.88 -15.93
C THR B 53 -28.09 13.95 -16.95
N ASN B 54 -28.13 12.65 -16.68
CA ASN B 54 -28.82 11.75 -17.57
C ASN B 54 -30.32 11.78 -17.36
N GLU B 55 -30.78 12.15 -16.17
CA GLU B 55 -32.19 12.43 -15.97
C GLU B 55 -32.64 13.64 -16.78
N SER B 56 -31.82 14.69 -16.78
CA SER B 56 -32.13 15.85 -17.61
C SER B 56 -32.03 15.52 -19.10
N LEU B 57 -31.11 14.62 -19.46
CA LEU B 57 -30.97 14.22 -20.85
C LEU B 57 -32.17 13.40 -21.31
N LEU B 58 -32.65 12.48 -20.46
CA LEU B 58 -33.81 11.69 -20.85
C LEU B 58 -35.07 12.52 -20.87
N THR B 59 -35.22 13.51 -19.98
CA THR B 59 -36.43 14.33 -20.10
C THR B 59 -36.33 15.33 -21.23
N SER B 60 -35.11 15.71 -21.64
CA SER B 60 -34.98 16.54 -22.84
C SER B 60 -35.33 15.75 -24.09
N LEU B 61 -34.86 14.50 -24.17
CA LEU B 61 -35.24 13.65 -25.29
C LEU B 61 -36.72 13.28 -25.24
N ASP B 62 -37.30 13.19 -24.04
CA ASP B 62 -38.73 12.93 -23.91
C ASP B 62 -39.54 14.13 -24.39
N GLN B 63 -39.11 15.35 -24.05
CA GLN B 63 -39.78 16.54 -24.53
C GLN B 63 -39.64 16.67 -26.04
N LYS B 64 -38.47 16.32 -26.58
CA LYS B 64 -38.27 16.37 -28.03
C LYS B 64 -39.10 15.33 -28.76
N ALA B 65 -39.22 14.12 -28.22
CA ALA B 65 -40.08 13.12 -28.81
C ALA B 65 -41.56 13.44 -28.61
N ALA B 66 -41.88 14.26 -27.61
CA ALA B 66 -43.26 14.72 -27.46
C ALA B 66 -43.60 15.78 -28.50
N GLU B 67 -42.67 16.70 -28.79
CA GLU B 67 -43.01 17.75 -29.74
C GLU B 67 -42.86 17.27 -31.19
N ALA B 68 -41.69 16.73 -31.56
CA ALA B 68 -41.46 16.21 -32.90
C ALA B 68 -41.26 14.70 -32.80
N LYS B 69 -42.36 13.97 -32.88
CA LYS B 69 -42.30 12.53 -32.81
C LYS B 69 -41.81 11.94 -34.14
N GLY B 70 -41.48 10.66 -34.11
CA GLY B 70 -40.90 9.99 -35.26
C GLY B 70 -39.59 9.32 -34.93
N GLU B 71 -38.49 9.83 -35.50
CA GLU B 71 -37.17 9.34 -35.15
C GLU B 71 -36.82 9.64 -33.70
N PHE B 72 -37.24 10.81 -33.21
CA PHE B 72 -37.07 11.13 -31.79
C PHE B 72 -37.91 10.20 -30.92
N ALA B 73 -39.09 9.79 -31.40
CA ALA B 73 -39.94 8.88 -30.64
C ALA B 73 -39.34 7.48 -30.58
N LYS B 74 -38.79 7.00 -31.70
CA LYS B 74 -38.17 5.69 -31.71
C LYS B 74 -36.90 5.65 -30.86
N ALA B 75 -36.09 6.72 -30.96
CA ALA B 75 -34.91 6.83 -30.11
C ALA B 75 -35.30 6.96 -28.64
N ALA B 76 -36.43 7.60 -28.35
CA ALA B 76 -36.89 7.69 -26.96
C ALA B 76 -37.43 6.36 -26.46
N GLU B 77 -38.01 5.54 -27.34
CA GLU B 77 -38.43 4.20 -26.95
C GLU B 77 -37.23 3.33 -26.61
N THR B 78 -36.19 3.36 -27.45
CA THR B 78 -34.96 2.65 -27.14
C THR B 78 -34.29 3.22 -25.89
N ALA B 79 -34.40 4.53 -25.70
CA ALA B 79 -33.84 5.19 -24.52
C ALA B 79 -34.58 4.77 -23.26
N HIS B 80 -35.89 4.61 -23.32
CA HIS B 80 -36.63 4.17 -22.15
C HIS B 80 -36.39 2.69 -21.85
N LYS B 81 -36.18 1.89 -22.90
CA LYS B 81 -35.87 0.47 -22.67
C LYS B 81 -34.50 0.30 -22.03
N VAL B 82 -33.49 1.03 -22.53
CA VAL B 82 -32.19 0.98 -21.89
C VAL B 82 -32.23 1.67 -20.54
N GLN B 83 -33.16 2.61 -20.35
CA GLN B 83 -33.34 3.26 -19.05
C GLN B 83 -33.84 2.27 -18.01
N ALA B 84 -34.84 1.46 -18.38
CA ALA B 84 -35.39 0.48 -17.45
C ALA B 84 -34.40 -0.64 -17.14
N ALA B 85 -33.71 -1.15 -18.18
CA ALA B 85 -32.75 -2.22 -17.97
C ALA B 85 -31.55 -1.73 -17.15
N SER B 86 -31.09 -0.51 -17.44
CA SER B 86 -29.98 0.08 -16.71
C SER B 86 -30.37 0.39 -15.29
N LYS B 87 -31.62 0.78 -15.06
CA LYS B 87 -32.09 1.04 -13.69
C LYS B 87 -32.14 -0.24 -12.88
N GLU B 88 -32.62 -1.33 -13.48
CA GLU B 88 -32.66 -2.60 -12.76
C GLU B 88 -31.26 -3.10 -12.45
N PHE B 89 -30.34 -3.00 -13.42
CA PHE B 89 -28.96 -3.43 -13.17
C PHE B 89 -28.28 -2.53 -12.15
N TYR B 90 -28.58 -1.22 -12.17
CA TYR B 90 -27.96 -0.28 -11.25
C TYR B 90 -28.39 -0.56 -9.81
N ASP B 91 -29.70 -0.76 -9.59
CA ASP B 91 -30.16 -1.08 -8.25
C ASP B 91 -29.74 -2.46 -7.80
N TYR B 92 -29.57 -3.42 -8.73
CA TYR B 92 -29.07 -4.73 -8.31
C TYR B 92 -27.61 -4.66 -7.89
N ILE B 93 -26.80 -3.89 -8.64
CA ILE B 93 -25.40 -3.69 -8.25
C ILE B 93 -25.33 -2.94 -6.94
N GLY B 94 -26.29 -2.04 -6.70
CA GLY B 94 -26.37 -1.37 -5.40
C GLY B 94 -26.68 -2.33 -4.26
N THR B 95 -27.54 -3.31 -4.50
CA THR B 95 -27.79 -4.32 -3.47
C THR B 95 -26.57 -5.19 -3.22
N LEU B 96 -25.82 -5.53 -4.27
CA LEU B 96 -24.57 -6.27 -4.08
C LEU B 96 -23.53 -5.42 -3.35
N LYS B 97 -23.56 -4.10 -3.56
CA LYS B 97 -22.63 -3.23 -2.86
C LYS B 97 -22.97 -3.11 -1.39
N THR B 98 -24.27 -3.02 -1.07
CA THR B 98 -24.67 -2.97 0.33
C THR B 98 -24.46 -4.30 1.01
N GLN B 99 -24.49 -5.40 0.24
CA GLN B 99 -23.98 -6.66 0.75
C GLN B 99 -22.48 -6.60 0.99
N ALA B 100 -21.76 -5.85 0.13
CA ALA B 100 -20.31 -5.84 0.20
C ALA B 100 -19.81 -5.05 1.40
N VAL B 101 -20.55 -4.04 1.83
CA VAL B 101 -20.20 -3.27 3.02
C VAL B 101 -21.14 -3.56 4.18
N LYS B 102 -21.75 -4.73 4.22
CA LYS B 102 -22.63 -5.11 5.32
C LYS B 102 -21.83 -5.32 6.61
N GLY B 103 -22.07 -4.45 7.59
CA GLY B 103 -21.40 -4.55 8.86
C GLY B 103 -20.30 -3.54 9.10
N PHE B 104 -20.28 -2.44 8.36
CA PHE B 104 -19.25 -1.41 8.50
C PHE B 104 -19.93 -0.06 8.62
N GLU B 105 -19.82 0.55 9.80
CA GLU B 105 -20.53 1.80 10.09
C GLU B 105 -19.73 2.97 9.55
N VAL B 106 -20.12 4.18 9.95
CA VAL B 106 -19.37 5.40 9.62
C VAL B 106 -18.66 5.81 10.90
N ASP B 107 -17.70 6.73 10.81
CA ASP B 107 -16.99 7.23 11.98
C ASP B 107 -17.64 8.48 12.56
N LYS B 108 -18.94 8.69 12.31
CA LYS B 108 -19.77 9.75 12.87
C LYS B 108 -19.25 11.15 12.54
N GLU B 109 -18.16 11.55 13.17
CA GLU B 109 -17.61 12.89 13.02
C GLU B 109 -16.97 13.09 11.65
N THR B 110 -16.18 12.13 11.19
CA THR B 110 -15.43 12.30 9.96
C THR B 110 -16.33 12.17 8.74
N GLY B 111 -17.31 11.29 8.80
CA GLY B 111 -18.17 11.05 7.66
C GLY B 111 -17.53 10.12 6.65
N LYS B 112 -16.58 9.31 7.13
CA LYS B 112 -15.87 8.35 6.28
C LYS B 112 -15.85 7.00 6.98
N MET B 113 -15.94 5.95 6.19
CA MET B 113 -15.94 4.60 6.75
C MET B 113 -14.55 4.25 7.27
N PRO B 114 -14.43 3.27 8.18
CA PRO B 114 -13.10 2.83 8.59
C PRO B 114 -12.40 2.04 7.50
N TYR B 115 -11.74 2.78 6.58
CA TYR B 115 -11.09 2.15 5.44
C TYR B 115 -9.92 1.28 5.85
N GLU B 116 -9.32 1.55 7.01
CA GLU B 116 -8.33 0.63 7.56
C GLU B 116 -8.95 -0.68 8.00
N ALA B 117 -10.22 -0.68 8.36
CA ALA B 117 -10.87 -1.88 8.87
C ALA B 117 -11.50 -2.74 7.80
N MET B 118 -11.96 -2.15 6.70
CA MET B 118 -12.57 -2.91 5.62
C MET B 118 -11.48 -3.60 4.80
N ASP B 119 -10.85 -4.62 5.40
CA ASP B 119 -9.66 -5.23 4.84
C ASP B 119 -9.93 -6.51 4.08
N ARG B 120 -10.87 -7.33 4.54
CA ARG B 120 -11.14 -8.62 3.92
C ARG B 120 -12.49 -8.59 3.23
N GLY B 121 -12.68 -9.55 2.33
CA GLY B 121 -13.95 -9.72 1.65
C GLY B 121 -14.74 -10.86 2.26
N ASP B 122 -14.70 -10.96 3.58
CA ASP B 122 -15.31 -12.08 4.29
C ASP B 122 -16.81 -11.96 4.46
N ASN B 123 -17.47 -11.04 3.74
CA ASN B 123 -18.91 -10.95 3.78
C ASN B 123 -19.58 -11.48 2.52
N ILE B 124 -18.82 -11.68 1.44
CA ILE B 124 -19.41 -12.22 0.22
C ILE B 124 -18.77 -13.56 -0.11
N ASP B 125 -18.45 -14.34 0.91
CA ASP B 125 -18.07 -15.73 0.69
C ASP B 125 -19.23 -16.60 0.20
N ASP B 126 -20.47 -16.11 0.26
CA ASP B 126 -21.64 -16.83 -0.23
C ASP B 126 -21.81 -16.75 -1.74
N TRP B 127 -20.77 -16.38 -2.49
CA TRP B 127 -20.82 -16.38 -3.94
C TRP B 127 -19.95 -17.46 -4.56
N PHE B 128 -19.08 -18.11 -3.78
CA PHE B 128 -18.18 -19.15 -4.30
C PHE B 128 -18.21 -20.38 -3.42
N THR B 129 -17.94 -21.53 -4.03
CA THR B 129 -17.76 -22.80 -3.33
C THR B 129 -16.54 -23.49 -3.93
N GLY B 130 -15.41 -23.43 -3.23
CA GLY B 130 -14.19 -24.07 -3.69
C GLY B 130 -13.65 -23.45 -4.95
N ASP B 131 -13.81 -24.16 -6.06
CA ASP B 131 -13.53 -23.61 -7.38
C ASP B 131 -14.81 -23.28 -8.15
N GLY B 132 -15.99 -23.52 -7.57
CA GLY B 132 -17.24 -23.17 -8.19
C GLY B 132 -17.94 -22.03 -7.47
N TYR B 133 -19.06 -21.61 -8.05
CA TYR B 133 -19.87 -20.52 -7.51
C TYR B 133 -20.81 -21.06 -6.43
N THR B 134 -21.76 -20.24 -6.01
CA THR B 134 -22.96 -20.67 -5.31
C THR B 134 -24.16 -20.38 -6.19
N LYS B 135 -25.34 -20.59 -5.63
CA LYS B 135 -26.57 -20.27 -6.36
C LYS B 135 -26.78 -18.76 -6.47
N LYS B 136 -26.11 -17.97 -5.62
CA LYS B 136 -26.24 -16.52 -5.72
C LYS B 136 -25.32 -15.97 -6.80
N GLY B 137 -24.10 -16.49 -6.90
CA GLY B 137 -23.17 -16.02 -7.91
C GLY B 137 -23.62 -16.36 -9.32
N ASN B 138 -24.29 -17.51 -9.48
CA ASN B 138 -24.89 -17.84 -10.77
C ASN B 138 -26.02 -16.88 -11.10
N GLU B 139 -26.73 -16.41 -10.08
CA GLU B 139 -27.75 -15.38 -10.30
C GLU B 139 -27.13 -14.05 -10.72
N ILE B 140 -25.93 -13.74 -10.20
CA ILE B 140 -25.23 -12.52 -10.61
C ILE B 140 -24.79 -12.63 -12.06
N ILE B 141 -24.21 -13.76 -12.43
CA ILE B 141 -23.78 -13.98 -13.83
C ILE B 141 -24.99 -13.97 -14.75
N ALA B 142 -26.13 -14.48 -14.28
CA ALA B 142 -27.36 -14.43 -15.06
C ALA B 142 -27.85 -12.99 -15.21
N LYS B 143 -27.72 -12.17 -14.18
CA LYS B 143 -28.13 -10.78 -14.27
C LYS B 143 -27.25 -10.00 -15.22
N ILE B 144 -25.94 -10.27 -15.18
CA ILE B 144 -25.00 -9.59 -16.07
C ILE B 144 -25.24 -9.99 -17.51
N GLU B 145 -25.45 -11.28 -17.77
CA GLU B 145 -25.72 -11.73 -19.13
C GLU B 145 -27.08 -11.28 -19.61
N LYS B 146 -28.07 -11.19 -18.72
CA LYS B 146 -29.37 -10.65 -19.08
C LYS B 146 -29.27 -9.18 -19.44
N TYR B 147 -28.46 -8.43 -18.70
CA TYR B 147 -28.26 -7.01 -19.00
C TYR B 147 -27.52 -6.82 -20.32
N LYS B 148 -26.49 -7.63 -20.56
CA LYS B 148 -25.75 -7.52 -21.81
C LYS B 148 -26.64 -7.89 -23.00
N SER B 149 -27.50 -8.90 -22.82
CA SER B 149 -28.37 -9.30 -23.91
C SER B 149 -29.51 -8.31 -24.13
N ASP B 150 -30.00 -7.63 -23.09
CA ASP B 150 -31.07 -6.67 -23.36
C ASP B 150 -30.51 -5.33 -23.83
N ILE B 151 -29.23 -5.05 -23.55
CA ILE B 151 -28.52 -4.02 -24.29
C ILE B 151 -28.49 -4.38 -25.77
N LYS B 152 -28.05 -5.61 -26.08
CA LYS B 152 -27.92 -6.03 -27.47
C LYS B 152 -29.25 -6.19 -28.18
N ALA B 153 -30.35 -6.37 -27.43
CA ALA B 153 -31.67 -6.53 -28.01
C ALA B 153 -32.44 -5.23 -28.12
N ALA B 154 -32.24 -4.30 -27.18
CA ALA B 154 -32.86 -3.00 -27.29
C ALA B 154 -32.22 -2.19 -28.40
N LEU B 155 -30.90 -2.07 -28.37
CA LEU B 155 -30.15 -1.43 -29.45
C LEU B 155 -30.02 -2.40 -30.61
N GLY B 156 -30.66 -2.06 -31.73
CA GLY B 156 -30.69 -2.94 -32.90
C GLY B 156 -29.41 -2.89 -33.72
N THR B 157 -29.57 -3.06 -35.03
CA THR B 157 -28.46 -3.13 -35.96
C THR B 157 -28.11 -1.78 -36.56
N ASP B 158 -28.36 -0.69 -35.84
CA ASP B 158 -28.04 0.64 -36.34
C ASP B 158 -26.53 0.85 -36.37
N LYS B 159 -26.07 1.56 -37.40
CA LYS B 159 -24.64 1.77 -37.58
C LYS B 159 -24.07 2.73 -36.54
N LYS B 160 -24.91 3.61 -36.00
CA LYS B 160 -24.43 4.56 -35.00
C LYS B 160 -24.26 3.89 -33.64
N TYR B 161 -24.94 2.77 -33.40
CA TYR B 161 -24.97 2.17 -32.07
C TYR B 161 -24.03 0.98 -31.93
N ALA B 162 -23.52 0.45 -33.05
CA ALA B 162 -22.69 -0.76 -33.00
C ALA B 162 -21.39 -0.53 -32.26
N GLY B 163 -20.90 0.73 -32.23
CA GLY B 163 -19.73 1.05 -31.44
C GLY B 163 -19.97 0.84 -29.96
N ILE B 164 -21.12 1.29 -29.45
CA ILE B 164 -21.40 1.07 -28.04
C ILE B 164 -21.83 -0.36 -27.76
N ILE B 165 -22.36 -1.09 -28.75
CA ILE B 165 -22.60 -2.53 -28.57
C ILE B 165 -21.28 -3.27 -28.39
N SER B 166 -20.30 -2.97 -29.25
CA SER B 166 -18.98 -3.57 -29.13
C SER B 166 -18.28 -3.10 -27.86
N GLU B 167 -18.60 -1.89 -27.38
CA GLU B 167 -18.01 -1.41 -26.15
C GLU B 167 -18.56 -2.16 -24.94
N VAL B 168 -19.88 -2.36 -24.86
CA VAL B 168 -20.44 -3.10 -23.73
C VAL B 168 -20.06 -4.57 -23.80
N GLU B 169 -19.87 -5.13 -24.99
CA GLU B 169 -19.29 -6.47 -25.07
C GLU B 169 -17.84 -6.46 -24.60
N LYS B 170 -17.12 -5.36 -24.86
CA LYS B 170 -15.77 -5.21 -24.32
C LYS B 170 -15.81 -4.89 -22.83
N LYS B 171 -16.72 -4.01 -22.40
CA LYS B 171 -16.75 -3.59 -21.01
C LYS B 171 -17.32 -4.68 -20.10
N PHE B 172 -18.26 -5.47 -20.59
CA PHE B 172 -18.91 -6.51 -19.80
C PHE B 172 -18.67 -7.89 -20.40
N ASP B 173 -17.42 -8.20 -20.72
CA ASP B 173 -17.05 -9.57 -21.04
C ASP B 173 -17.20 -10.45 -19.81
N VAL B 174 -17.74 -11.65 -20.01
CA VAL B 174 -18.10 -12.54 -18.92
C VAL B 174 -17.24 -13.82 -18.98
N SER B 175 -16.44 -13.97 -20.03
CA SER B 175 -15.74 -15.21 -20.29
C SER B 175 -14.55 -15.39 -19.35
N ASP B 176 -13.89 -16.53 -19.48
CA ASP B 176 -12.76 -16.85 -18.63
C ASP B 176 -11.56 -16.00 -19.01
N VAL B 177 -10.81 -15.55 -18.01
CA VAL B 177 -9.60 -14.77 -18.22
C VAL B 177 -8.44 -15.53 -17.61
N LYS B 178 -7.31 -15.55 -18.33
CA LYS B 178 -6.12 -16.24 -17.86
C LYS B 178 -5.51 -15.51 -16.67
N ASN B 179 -4.99 -16.28 -15.72
CA ASN B 179 -4.32 -15.73 -14.57
C ASN B 179 -2.84 -15.51 -14.91
N LYS B 180 -2.01 -15.23 -13.91
CA LYS B 180 -0.59 -15.04 -14.17
C LYS B 180 0.14 -16.36 -14.38
N GLU B 181 -0.50 -17.50 -14.08
CA GLU B 181 0.12 -18.80 -14.28
C GLU B 181 -0.29 -19.45 -15.59
N GLY B 182 -1.37 -19.00 -16.22
CA GLY B 182 -1.74 -19.47 -17.53
C GLY B 182 -2.89 -20.45 -17.60
N ILE B 183 -3.72 -20.53 -16.57
CA ILE B 183 -4.91 -21.37 -16.63
C ILE B 183 -6.13 -20.47 -16.76
N LYS B 184 -7.24 -21.07 -17.18
CA LYS B 184 -8.50 -20.33 -17.24
C LYS B 184 -9.06 -20.15 -15.84
N GLU B 185 -9.92 -19.14 -15.68
CA GLU B 185 -10.48 -18.83 -14.37
C GLU B 185 -11.83 -18.15 -14.55
N LYS B 186 -12.79 -18.53 -13.71
CA LYS B 186 -14.13 -17.97 -13.77
C LYS B 186 -14.13 -16.51 -13.35
N TYR B 187 -15.20 -15.81 -13.71
CA TYR B 187 -15.20 -14.35 -13.72
C TYR B 187 -15.19 -13.76 -12.32
N LEU B 188 -16.23 -14.04 -11.53
CA LEU B 188 -16.33 -13.43 -10.21
C LEU B 188 -15.34 -14.04 -9.22
N ALA B 189 -14.76 -15.19 -9.53
CA ALA B 189 -13.66 -15.66 -8.71
C ALA B 189 -12.38 -14.90 -9.02
N TYR B 190 -12.26 -14.39 -10.25
CA TYR B 190 -11.07 -13.64 -10.63
C TYR B 190 -11.13 -12.21 -10.14
N HIS B 191 -12.30 -11.60 -10.15
CA HIS B 191 -12.43 -10.19 -9.81
C HIS B 191 -12.75 -9.93 -8.35
N PHE B 192 -13.28 -10.89 -7.60
CA PHE B 192 -13.77 -10.57 -6.26
C PHE B 192 -13.29 -11.50 -5.15
N LYS B 193 -12.80 -12.70 -5.45
CA LYS B 193 -12.53 -13.69 -4.41
C LYS B 193 -11.23 -13.35 -3.70
N GLY B 194 -11.34 -12.80 -2.50
CA GLY B 194 -10.20 -12.43 -1.70
C GLY B 194 -9.92 -10.93 -1.66
N PHE B 195 -10.66 -10.15 -2.45
CA PHE B 195 -10.46 -8.71 -2.50
C PHE B 195 -10.87 -8.06 -1.18
N PRO B 196 -10.38 -6.87 -0.89
CA PRO B 196 -10.96 -6.08 0.19
C PRO B 196 -12.37 -5.64 -0.16
N ALA B 197 -13.16 -5.40 0.88
CA ALA B 197 -14.57 -5.06 0.67
C ALA B 197 -14.71 -3.68 0.06
N ILE B 198 -13.82 -2.76 0.41
CA ILE B 198 -13.85 -1.44 -0.20
C ILE B 198 -13.39 -1.53 -1.66
N ALA B 199 -12.52 -2.48 -1.98
CA ALA B 199 -12.16 -2.71 -3.37
C ALA B 199 -13.33 -3.30 -4.13
N SER B 200 -14.12 -4.14 -3.47
CA SER B 200 -15.29 -4.75 -4.10
C SER B 200 -16.36 -3.71 -4.38
N ALA B 201 -16.63 -2.84 -3.40
CA ALA B 201 -17.57 -1.75 -3.61
C ALA B 201 -17.05 -0.76 -4.62
N ALA B 202 -15.72 -0.59 -4.70
CA ALA B 202 -15.12 0.29 -5.69
C ALA B 202 -15.35 -0.25 -7.09
N LYS B 203 -15.11 -1.54 -7.31
CA LYS B 203 -15.31 -2.09 -8.64
C LYS B 203 -16.78 -2.19 -9.00
N LEU B 204 -17.65 -2.40 -8.01
CA LEU B 204 -19.09 -2.40 -8.29
C LEU B 204 -19.58 -1.00 -8.65
N SER B 205 -19.03 0.02 -7.99
CA SER B 205 -19.33 1.39 -8.37
C SER B 205 -18.71 1.74 -9.71
N ALA B 206 -17.62 1.07 -10.08
CA ALA B 206 -17.08 1.24 -11.43
C ALA B 206 -18.03 0.66 -12.47
N TRP B 207 -18.67 -0.47 -12.14
CA TRP B 207 -19.73 -0.98 -13.00
C TRP B 207 -20.91 -0.02 -13.07
N GLN B 208 -21.26 0.60 -11.96
CA GLN B 208 -22.34 1.59 -11.95
C GLN B 208 -21.98 2.80 -12.82
N ASN B 209 -20.73 3.24 -12.74
CA ASN B 209 -20.24 4.32 -13.60
C ASN B 209 -20.26 3.90 -15.06
N ASP B 210 -19.98 2.63 -15.32
CA ASP B 210 -20.04 2.11 -16.68
C ASP B 210 -21.47 2.11 -17.21
N VAL B 211 -22.43 1.73 -16.37
CA VAL B 211 -23.83 1.72 -16.78
C VAL B 211 -24.33 3.14 -17.05
N LYS B 212 -23.98 4.09 -16.17
CA LYS B 212 -24.39 5.47 -16.39
C LYS B 212 -23.69 6.08 -17.59
N LYS B 213 -22.44 5.68 -17.84
CA LYS B 213 -21.73 6.15 -19.03
C LYS B 213 -22.37 5.59 -20.30
N THR B 214 -22.78 4.32 -20.27
CA THR B 214 -23.47 3.71 -21.40
C THR B 214 -24.80 4.39 -21.67
N GLU B 215 -25.54 4.70 -20.61
CA GLU B 215 -26.80 5.42 -20.74
C GLU B 215 -26.58 6.81 -21.30
N ALA B 216 -25.50 7.47 -20.89
CA ALA B 216 -25.17 8.79 -21.40
C ALA B 216 -24.81 8.74 -22.88
N ASP B 217 -24.05 7.72 -23.30
CA ASP B 217 -23.64 7.60 -24.69
C ASP B 217 -24.84 7.32 -25.59
N VAL B 218 -25.72 6.41 -25.17
CA VAL B 218 -26.88 6.13 -25.99
C VAL B 218 -27.86 7.30 -25.96
N TYR B 219 -27.81 8.13 -24.91
CA TYR B 219 -28.67 9.31 -24.87
C TYR B 219 -28.19 10.38 -25.84
N ASN B 220 -26.94 10.80 -25.73
CA ASN B 220 -26.50 11.93 -26.56
C ASN B 220 -26.24 11.49 -27.99
N SER B 221 -26.11 10.18 -28.24
CA SER B 221 -26.14 9.72 -29.61
C SER B 221 -27.57 9.55 -30.09
N ALA B 222 -28.52 9.37 -29.17
CA ALA B 222 -29.91 9.19 -29.56
C ALA B 222 -30.55 10.51 -29.95
N LEU B 223 -30.29 11.57 -29.18
CA LEU B 223 -30.83 12.89 -29.53
C LEU B 223 -30.09 13.48 -30.72
N GLY B 224 -28.83 13.09 -30.90
CA GLY B 224 -28.13 13.47 -32.12
C GLY B 224 -28.66 12.73 -33.34
N LYS B 225 -29.24 11.56 -33.12
CA LYS B 225 -29.88 10.80 -34.19
C LYS B 225 -31.27 11.36 -34.48
N LEU C 3 41.78 3.06 13.97
CA LEU C 3 41.68 2.29 15.20
C LEU C 3 41.38 3.18 16.39
N LEU C 4 40.40 2.78 17.20
CA LEU C 4 39.99 3.50 18.38
C LEU C 4 40.11 2.60 19.60
N SER C 5 39.95 3.21 20.79
CA SER C 5 39.95 2.44 22.02
C SER C 5 38.64 1.67 22.13
N LYS C 6 38.65 0.57 22.89
CA LYS C 6 37.48 -0.28 23.06
C LYS C 6 36.35 0.46 23.75
N LYS C 7 36.68 1.34 24.70
CA LYS C 7 35.64 2.04 25.45
C LYS C 7 34.90 3.07 24.62
N VAL C 8 35.63 3.80 23.77
CA VAL C 8 34.98 4.86 22.99
C VAL C 8 34.11 4.25 21.89
N MET C 9 34.52 3.09 21.37
CA MET C 9 33.70 2.40 20.38
C MET C 9 32.41 1.90 21.00
N ASN C 10 32.49 1.39 22.23
CA ASN C 10 31.31 0.88 22.91
C ASN C 10 30.36 2.01 23.28
N PHE C 11 30.91 3.12 23.78
CA PHE C 11 30.08 4.27 24.13
C PHE C 11 29.46 4.89 22.89
N ALA C 12 30.20 4.90 21.78
CA ALA C 12 29.66 5.45 20.55
C ALA C 12 28.60 4.53 19.97
N TYR C 13 28.75 3.22 20.16
CA TYR C 13 27.71 2.28 19.77
C TYR C 13 26.44 2.51 20.57
N GLY C 14 26.58 2.70 21.88
CA GLY C 14 25.46 2.98 22.74
C GLY C 14 24.72 4.26 22.39
N MET C 15 25.46 5.36 22.27
CA MET C 15 24.83 6.65 21.98
C MET C 15 24.30 6.70 20.55
N GLY C 16 24.96 6.00 19.62
CA GLY C 16 24.46 5.95 18.27
C GLY C 16 23.19 5.15 18.16
N ALA C 17 23.12 4.03 18.89
CA ALA C 17 21.88 3.25 18.94
C ALA C 17 20.76 4.06 19.57
N ALA C 18 21.08 4.83 20.62
CA ALA C 18 20.08 5.66 21.27
C ALA C 18 19.54 6.74 20.33
N VAL C 19 20.44 7.40 19.60
CA VAL C 19 19.99 8.48 18.75
C VAL C 19 19.26 7.94 17.51
N VAL C 20 19.64 6.77 17.00
CA VAL C 20 18.91 6.27 15.84
C VAL C 20 17.54 5.73 16.26
N ILE C 21 17.42 5.23 17.49
CA ILE C 21 16.12 4.74 17.91
C ILE C 21 15.17 5.89 18.25
N VAL C 22 15.68 6.96 18.86
CA VAL C 22 14.80 8.10 19.09
C VAL C 22 14.52 8.84 17.78
N GLY C 23 15.42 8.71 16.80
CA GLY C 23 15.12 9.24 15.48
C GLY C 23 14.05 8.44 14.77
N ALA C 24 14.04 7.12 14.96
CA ALA C 24 12.95 6.30 14.44
C ALA C 24 11.64 6.63 15.16
N LEU C 25 11.74 6.97 16.44
CA LEU C 25 10.57 7.41 17.20
C LEU C 25 10.01 8.71 16.64
N PHE C 26 10.89 9.62 16.24
CA PHE C 26 10.44 10.83 15.55
C PHE C 26 9.91 10.51 14.17
N LYS C 27 10.45 9.46 13.54
CA LYS C 27 10.07 9.12 12.17
C LYS C 27 8.68 8.51 12.12
N ILE C 28 8.28 7.78 13.15
CA ILE C 28 6.96 7.15 13.16
C ILE C 28 5.93 8.02 13.88
N THR C 29 6.33 9.17 14.42
CA THR C 29 5.39 10.06 15.11
C THR C 29 5.36 11.49 14.59
N HIS C 30 6.43 11.96 13.93
CA HIS C 30 6.47 13.25 13.22
C HIS C 30 6.28 14.45 14.14
N PHE C 31 7.18 14.62 15.11
CA PHE C 31 7.38 15.92 15.76
C PHE C 31 8.87 16.12 15.92
N GLU C 32 9.33 17.34 15.64
CA GLU C 32 10.73 17.58 15.35
C GLU C 32 11.44 18.52 16.32
N ILE C 33 10.73 19.04 17.32
CA ILE C 33 11.21 20.05 18.28
C ILE C 33 11.77 21.24 17.52
N GLY C 34 13.07 21.20 17.24
CA GLY C 34 13.70 22.22 16.44
C GLY C 34 14.00 21.68 15.05
N PRO C 35 15.22 21.91 14.57
CA PRO C 35 15.63 21.35 13.27
C PRO C 35 16.14 19.92 13.32
N LEU C 36 15.85 19.17 14.39
CA LEU C 36 16.34 17.79 14.51
C LEU C 36 15.71 16.89 13.46
N THR C 37 14.42 17.13 13.16
CA THR C 37 13.61 16.56 12.06
C THR C 37 13.73 15.04 11.87
N GLY C 38 14.12 14.32 12.91
CA GLY C 38 14.10 12.88 12.88
C GLY C 38 15.16 12.24 12.01
N THR C 39 15.03 12.46 10.70
CA THR C 39 15.90 11.95 9.64
C THR C 39 17.36 12.30 9.87
N VAL C 40 17.60 13.52 10.37
CA VAL C 40 18.97 13.98 10.64
C VAL C 40 19.59 13.14 11.75
N MET C 41 18.83 12.93 12.83
CA MET C 41 19.26 12.10 13.95
C MET C 41 19.43 10.66 13.48
N LEU C 42 18.47 10.23 12.65
CA LEU C 42 18.50 8.90 12.06
C LEU C 42 19.74 8.69 11.22
N SER C 43 20.05 9.67 10.36
CA SER C 43 21.19 9.53 9.46
C SER C 43 22.51 9.59 10.22
N ILE C 44 22.63 10.47 11.21
CA ILE C 44 23.91 10.58 11.92
C ILE C 44 24.11 9.37 12.81
N GLY C 45 23.02 8.78 13.31
CA GLY C 45 23.15 7.56 14.09
C GLY C 45 23.55 6.37 13.24
N LEU C 46 22.93 6.25 12.07
CA LEU C 46 23.27 5.13 11.20
C LEU C 46 24.67 5.27 10.61
N LEU C 47 25.11 6.50 10.35
CA LEU C 47 26.47 6.67 9.82
C LEU C 47 27.52 6.46 10.89
N THR C 48 27.25 6.88 12.13
CA THR C 48 28.17 6.57 13.23
C THR C 48 28.25 5.07 13.47
N GLU C 49 27.10 4.38 13.38
CA GLU C 49 27.09 2.93 13.54
C GLU C 49 27.81 2.22 12.41
N ALA C 50 27.63 2.68 11.17
CA ALA C 50 28.34 2.10 10.04
C ALA C 50 29.84 2.34 10.14
N LEU C 51 30.25 3.51 10.62
CA LEU C 51 31.65 3.81 10.87
C LEU C 51 32.25 2.87 11.92
N ILE C 52 31.52 2.66 13.02
CA ILE C 52 31.96 1.73 14.06
C ILE C 52 32.10 0.32 13.50
N PHE C 53 31.08 -0.14 12.77
CA PHE C 53 31.08 -1.50 12.26
C PHE C 53 32.07 -1.65 11.12
N ALA C 54 32.44 -0.55 10.47
CA ALA C 54 33.57 -0.58 9.57
C ALA C 54 34.87 -0.81 10.33
N LEU C 55 35.19 0.09 11.26
CA LEU C 55 36.50 0.02 11.92
C LEU C 55 36.56 -0.98 13.07
N SER C 56 35.48 -1.71 13.35
CA SER C 56 35.56 -2.85 14.26
C SER C 56 35.64 -4.17 13.49
N ALA C 57 35.93 -4.11 12.20
CA ALA C 57 36.02 -5.28 11.37
C ALA C 57 37.48 -5.52 11.03
N PHE C 58 38.36 -5.12 11.93
CA PHE C 58 39.79 -5.19 11.63
C PHE C 58 40.65 -5.68 12.77
N GLU C 59 40.07 -6.12 13.89
CA GLU C 59 40.87 -6.72 14.96
C GLU C 59 40.50 -8.18 15.11
N PRO C 60 41.44 -9.11 14.93
CA PRO C 60 41.09 -10.53 14.83
C PRO C 60 40.90 -11.23 16.17
N VAL C 61 40.69 -10.47 17.25
CA VAL C 61 40.70 -10.90 18.64
C VAL C 61 39.87 -12.15 18.92
N GLU C 62 40.45 -13.08 19.68
CA GLU C 62 39.84 -14.38 19.91
C GLU C 62 40.42 -15.03 21.17
N LEU D 3 23.75 4.72 36.25
CA LEU D 3 23.54 3.28 36.44
C LEU D 3 22.29 3.01 37.25
N LEU D 4 21.64 1.89 36.94
CA LEU D 4 20.42 1.49 37.62
C LEU D 4 20.59 0.08 38.14
N SER D 5 19.59 -0.36 38.90
CA SER D 5 19.62 -1.67 39.53
C SER D 5 19.47 -2.78 38.49
N LYS D 6 19.97 -3.97 38.84
CA LYS D 6 19.90 -5.10 37.94
C LYS D 6 18.46 -5.58 37.76
N LYS D 7 17.64 -5.48 38.81
CA LYS D 7 16.22 -5.74 38.70
C LYS D 7 15.52 -4.82 37.72
N VAL D 8 15.82 -3.53 37.77
CA VAL D 8 15.21 -2.56 36.88
C VAL D 8 16.01 -2.41 35.58
N MET D 9 17.00 -3.29 35.37
CA MET D 9 17.69 -3.37 34.09
C MET D 9 17.06 -4.46 33.22
N ASN D 10 17.03 -5.70 33.73
CA ASN D 10 16.55 -6.82 32.93
C ASN D 10 15.05 -6.74 32.70
N PHE D 11 14.31 -6.30 33.73
CA PHE D 11 12.87 -6.12 33.57
C PHE D 11 12.56 -5.02 32.58
N ALA D 12 13.33 -3.94 32.62
CA ALA D 12 13.12 -2.85 31.67
C ALA D 12 13.42 -3.29 30.25
N TYR D 13 14.51 -4.03 30.07
CA TYR D 13 14.90 -4.53 28.75
C TYR D 13 13.86 -5.50 28.20
N GLY D 14 13.44 -6.46 29.01
CA GLY D 14 12.44 -7.42 28.60
C GLY D 14 11.07 -6.83 28.35
N MET D 15 10.62 -5.95 29.25
CA MET D 15 9.30 -5.33 29.10
C MET D 15 9.28 -4.40 27.90
N GLY D 16 10.38 -3.68 27.66
CA GLY D 16 10.47 -2.84 26.48
C GLY D 16 10.56 -3.64 25.20
N ALA D 17 11.23 -4.78 25.24
CA ALA D 17 11.26 -5.66 24.08
C ALA D 17 9.95 -6.39 23.85
N ALA D 18 9.09 -6.45 24.85
CA ALA D 18 7.77 -7.07 24.68
C ALA D 18 6.72 -6.07 24.24
N VAL D 19 6.79 -4.83 24.74
CA VAL D 19 5.76 -3.87 24.38
C VAL D 19 5.99 -3.38 22.96
N VAL D 20 7.23 -3.43 22.46
CA VAL D 20 7.47 -3.09 21.06
C VAL D 20 6.89 -4.15 20.15
N ILE D 21 6.91 -5.41 20.58
CA ILE D 21 6.37 -6.49 19.77
C ILE D 21 4.85 -6.45 19.77
N VAL D 22 4.25 -6.17 20.92
CA VAL D 22 2.78 -6.09 20.97
C VAL D 22 2.30 -4.80 20.29
N GLY D 23 3.19 -3.80 20.19
CA GLY D 23 2.85 -2.62 19.44
C GLY D 23 2.91 -2.84 17.94
N ALA D 24 3.91 -3.59 17.49
CA ALA D 24 3.97 -3.98 16.09
C ALA D 24 2.77 -4.85 15.71
N LEU D 25 2.38 -5.74 16.63
CA LEU D 25 1.14 -6.50 16.52
C LEU D 25 -0.09 -5.61 16.42
N PHE D 26 -0.20 -4.58 17.26
CA PHE D 26 -1.32 -3.66 17.18
C PHE D 26 -1.32 -2.86 15.89
N LYS D 27 -0.15 -2.57 15.35
CA LYS D 27 -0.04 -1.80 14.12
C LYS D 27 -0.33 -2.62 12.88
N ILE D 28 -0.03 -3.92 12.87
CA ILE D 28 -0.32 -4.74 11.71
C ILE D 28 -1.74 -5.27 11.72
N THR D 29 -2.50 -5.04 12.79
CA THR D 29 -3.81 -5.64 12.93
C THR D 29 -4.95 -4.65 13.09
N HIS D 30 -4.65 -3.36 13.30
CA HIS D 30 -5.63 -2.28 13.48
C HIS D 30 -6.58 -2.57 14.64
N PHE D 31 -5.99 -2.87 15.80
CA PHE D 31 -6.76 -3.29 16.98
C PHE D 31 -6.14 -2.59 18.18
N GLU D 32 -6.94 -1.81 18.91
CA GLU D 32 -6.40 -0.80 19.82
C GLU D 32 -6.98 -0.83 21.23
N ILE D 33 -8.15 -1.43 21.42
CA ILE D 33 -8.94 -1.42 22.65
C ILE D 33 -9.17 0.01 23.12
N GLY D 34 -8.19 0.59 23.82
CA GLY D 34 -8.36 1.88 24.43
C GLY D 34 -7.65 2.98 23.67
N PRO D 35 -7.15 3.99 24.40
CA PRO D 35 -6.43 5.11 23.77
C PRO D 35 -4.95 4.81 23.57
N LEU D 36 -4.65 3.64 23.03
CA LEU D 36 -3.29 3.21 22.77
C LEU D 36 -2.92 3.28 21.30
N THR D 37 -3.73 2.67 20.42
CA THR D 37 -3.61 2.70 18.95
C THR D 37 -2.23 2.29 18.45
N GLY D 38 -1.54 1.44 19.20
CA GLY D 38 -0.27 0.92 18.74
C GLY D 38 0.91 1.88 18.81
N THR D 39 0.80 3.01 18.10
CA THR D 39 1.86 4.00 17.94
C THR D 39 2.34 4.56 19.26
N VAL D 40 1.43 4.73 20.22
CA VAL D 40 1.81 5.13 21.58
C VAL D 40 2.61 4.02 22.25
N MET D 41 2.14 2.78 22.11
CA MET D 41 2.82 1.64 22.69
C MET D 41 4.14 1.39 21.98
N LEU D 42 4.15 1.59 20.67
CA LEU D 42 5.37 1.40 19.89
C LEU D 42 6.42 2.44 20.26
N SER D 43 5.97 3.68 20.49
CA SER D 43 6.89 4.75 20.83
C SER D 43 7.41 4.59 22.25
N ILE D 44 6.58 4.14 23.19
CA ILE D 44 7.07 3.94 24.55
C ILE D 44 7.99 2.72 24.60
N GLY D 45 7.78 1.75 23.69
CA GLY D 45 8.70 0.63 23.61
C GLY D 45 10.05 1.02 23.07
N LEU D 46 10.06 1.81 21.98
CA LEU D 46 11.31 2.28 21.42
C LEU D 46 12.04 3.21 22.38
N LEU D 47 11.27 4.00 23.16
CA LEU D 47 11.88 4.89 24.14
C LEU D 47 12.50 4.12 25.29
N THR D 48 11.79 3.09 25.77
CA THR D 48 12.31 2.31 26.89
C THR D 48 13.48 1.44 26.47
N GLU D 49 13.58 1.13 25.18
CA GLU D 49 14.81 0.49 24.71
C GLU D 49 15.92 1.49 24.43
N ALA D 50 15.56 2.72 24.09
CA ALA D 50 16.55 3.76 23.87
C ALA D 50 17.28 4.11 25.15
N LEU D 51 16.56 4.11 26.28
CA LEU D 51 17.21 4.34 27.55
C LEU D 51 18.15 3.19 27.93
N ILE D 52 17.80 1.96 27.53
CA ILE D 52 18.67 0.82 27.81
C ILE D 52 19.94 0.90 26.98
N PHE D 53 19.81 1.23 25.70
CA PHE D 53 21.00 1.39 24.86
C PHE D 53 21.81 2.62 25.27
N ALA D 54 21.15 3.60 25.90
CA ALA D 54 21.88 4.75 26.40
C ALA D 54 22.70 4.41 27.62
N LEU D 55 22.05 3.95 28.69
CA LEU D 55 22.72 3.87 29.97
C LEU D 55 23.49 2.57 30.17
N SER D 56 23.47 1.65 29.20
CA SER D 56 24.36 0.50 29.23
C SER D 56 25.61 0.74 28.41
N ALA D 57 25.94 2.00 28.14
CA ALA D 57 27.11 2.36 27.35
C ALA D 57 28.17 2.92 28.29
N PHE D 58 28.17 2.44 29.52
CA PHE D 58 29.04 3.00 30.55
C PHE D 58 29.88 1.95 31.27
N GLU D 59 29.48 0.68 31.28
CA GLU D 59 30.27 -0.32 31.98
C GLU D 59 30.52 -1.51 31.06
N PRO D 60 31.78 -1.89 30.84
CA PRO D 60 32.08 -2.96 29.89
C PRO D 60 32.26 -4.33 30.53
N VAL D 61 31.90 -4.45 31.82
CA VAL D 61 32.30 -5.50 32.76
C VAL D 61 32.20 -6.93 32.22
N GLU D 62 33.26 -7.70 32.40
CA GLU D 62 33.36 -9.04 31.80
C GLU D 62 33.89 -10.05 32.80
N LEU E 3 3.04 -20.58 38.07
CA LEU E 3 4.25 -20.37 37.29
C LEU E 3 4.31 -21.33 36.11
N LEU E 4 4.79 -20.83 34.98
CA LEU E 4 5.03 -21.65 33.81
C LEU E 4 6.24 -22.54 34.06
N SER E 5 6.04 -23.86 33.98
CA SER E 5 7.14 -24.77 34.27
C SER E 5 8.05 -24.93 33.05
N LYS E 6 9.07 -25.76 33.22
CA LYS E 6 10.20 -25.80 32.29
C LYS E 6 9.81 -26.35 30.93
N LYS E 7 9.06 -27.45 30.91
CA LYS E 7 8.61 -28.01 29.64
C LYS E 7 7.56 -27.14 28.96
N VAL E 8 6.73 -26.44 29.75
CA VAL E 8 5.71 -25.59 29.18
C VAL E 8 6.35 -24.33 28.62
N MET E 9 7.37 -23.83 29.32
CA MET E 9 8.10 -22.65 28.88
C MET E 9 8.83 -22.94 27.59
N ASN E 10 9.44 -24.12 27.49
CA ASN E 10 10.13 -24.51 26.27
C ASN E 10 9.14 -24.75 25.14
N PHE E 11 7.97 -25.31 25.46
CA PHE E 11 6.96 -25.55 24.43
C PHE E 11 6.41 -24.25 23.88
N ALA E 12 6.22 -23.26 24.75
CA ALA E 12 5.80 -21.94 24.29
C ALA E 12 6.92 -21.29 23.48
N TYR E 13 8.15 -21.40 23.99
CA TYR E 13 9.33 -20.78 23.40
C TYR E 13 9.62 -21.32 22.01
N GLY E 14 9.16 -22.52 21.71
CA GLY E 14 9.29 -23.03 20.37
C GLY E 14 8.04 -22.89 19.51
N MET E 15 6.86 -23.14 20.09
CA MET E 15 5.65 -23.21 19.29
C MET E 15 5.15 -21.82 18.91
N GLY E 16 5.33 -20.84 19.79
CA GLY E 16 5.04 -19.46 19.42
C GLY E 16 5.95 -18.98 18.31
N ALA E 17 7.22 -19.41 18.35
CA ALA E 17 8.15 -19.11 17.28
C ALA E 17 7.72 -19.75 15.97
N ALA E 18 7.27 -21.00 16.03
CA ALA E 18 6.86 -21.70 14.82
C ALA E 18 5.60 -21.08 14.22
N VAL E 19 4.65 -20.72 15.08
CA VAL E 19 3.41 -20.16 14.55
C VAL E 19 3.64 -18.73 14.08
N VAL E 20 4.61 -18.00 14.65
CA VAL E 20 4.84 -16.65 14.13
C VAL E 20 5.64 -16.73 12.84
N ILE E 21 6.44 -17.79 12.64
CA ILE E 21 7.11 -17.97 11.36
C ILE E 21 6.10 -18.28 10.26
N VAL E 22 5.21 -19.24 10.51
CA VAL E 22 4.25 -19.60 9.47
C VAL E 22 3.19 -18.52 9.32
N GLY E 23 2.99 -17.71 10.36
CA GLY E 23 2.11 -16.57 10.25
C GLY E 23 2.71 -15.45 9.41
N ALA E 24 4.02 -15.22 9.56
CA ALA E 24 4.70 -14.27 8.70
C ALA E 24 4.69 -14.74 7.25
N LEU E 25 4.83 -16.06 7.07
CA LEU E 25 4.71 -16.66 5.75
C LEU E 25 3.34 -16.42 5.13
N PHE E 26 2.29 -16.63 5.91
CA PHE E 26 0.93 -16.47 5.38
C PHE E 26 0.60 -14.99 5.19
N LYS E 27 1.27 -14.12 5.95
CA LYS E 27 1.04 -12.69 5.81
C LYS E 27 1.67 -12.17 4.53
N ILE E 28 2.88 -12.63 4.20
CA ILE E 28 3.57 -12.03 3.06
C ILE E 28 3.29 -12.79 1.78
N THR E 29 2.45 -13.82 1.84
CA THR E 29 2.09 -14.54 0.62
C THR E 29 0.59 -14.62 0.37
N HIS E 30 -0.25 -14.40 1.39
CA HIS E 30 -1.72 -14.37 1.29
C HIS E 30 -2.28 -15.70 0.81
N PHE E 31 -1.70 -16.79 1.30
CA PHE E 31 -2.24 -18.13 1.11
C PHE E 31 -2.66 -18.64 2.48
N GLU E 32 -3.96 -18.83 2.68
CA GLU E 32 -4.55 -18.67 4.00
C GLU E 32 -5.33 -19.90 4.46
N ILE E 33 -5.27 -20.98 3.66
CA ILE E 33 -5.94 -22.27 3.92
C ILE E 33 -7.43 -22.09 4.11
N GLY E 34 -7.82 -21.67 5.31
CA GLY E 34 -9.22 -21.58 5.68
C GLY E 34 -9.51 -20.32 6.47
N PRO E 35 -10.06 -20.49 7.68
CA PRO E 35 -10.44 -19.34 8.48
C PRO E 35 -9.30 -18.77 9.32
N LEU E 36 -8.08 -19.20 9.03
CA LEU E 36 -6.90 -18.75 9.76
C LEU E 36 -6.46 -17.38 9.30
N THR E 37 -6.55 -17.15 7.98
CA THR E 37 -6.30 -15.92 7.21
C THR E 37 -4.94 -15.25 7.47
N GLY E 38 -4.02 -15.96 8.12
CA GLY E 38 -2.67 -15.46 8.26
C GLY E 38 -2.46 -14.44 9.35
N THR E 39 -3.23 -13.36 9.31
CA THR E 39 -3.09 -12.28 10.28
C THR E 39 -3.43 -12.76 11.69
N VAL E 40 -4.41 -13.66 11.80
CA VAL E 40 -4.76 -14.23 13.10
C VAL E 40 -3.66 -15.15 13.60
N MET E 41 -3.01 -15.88 12.68
CA MET E 41 -1.87 -16.69 13.06
C MET E 41 -0.70 -15.81 13.48
N LEU E 42 -0.48 -14.72 12.75
CA LEU E 42 0.57 -13.77 13.11
C LEU E 42 0.23 -13.07 14.41
N SER E 43 -1.07 -12.83 14.64
CA SER E 43 -1.48 -12.20 15.89
C SER E 43 -1.25 -13.12 17.07
N ILE E 44 -1.59 -14.41 16.91
CA ILE E 44 -1.39 -15.38 17.97
C ILE E 44 0.10 -15.56 18.26
N GLY E 45 0.90 -15.61 17.19
CA GLY E 45 2.33 -15.71 17.30
C GLY E 45 2.96 -14.54 18.03
N LEU E 46 2.66 -13.32 17.60
CA LEU E 46 3.24 -12.14 18.22
C LEU E 46 2.70 -11.94 19.63
N LEU E 47 1.45 -12.35 19.86
CA LEU E 47 0.86 -12.21 21.19
C LEU E 47 1.55 -13.12 22.19
N THR E 48 1.65 -14.42 21.86
CA THR E 48 2.34 -15.35 22.75
C THR E 48 3.83 -15.04 22.86
N GLU E 49 4.41 -14.46 21.81
CA GLU E 49 5.80 -14.04 21.89
C GLU E 49 5.95 -12.86 22.85
N ALA E 50 4.98 -11.95 22.84
CA ALA E 50 4.98 -10.83 23.76
C ALA E 50 4.83 -11.31 25.20
N LEU E 51 3.93 -12.27 25.42
CA LEU E 51 3.76 -12.84 26.76
C LEU E 51 5.02 -13.54 27.23
N ILE E 52 5.61 -14.37 26.39
CA ILE E 52 6.77 -15.17 26.82
C ILE E 52 7.99 -14.27 26.96
N PHE E 53 7.95 -13.14 26.26
CA PHE E 53 9.04 -12.13 26.33
C PHE E 53 8.86 -11.28 27.59
N ALA E 54 7.62 -11.16 28.06
CA ALA E 54 7.31 -10.37 29.24
C ALA E 54 7.59 -11.14 30.52
N LEU E 55 7.03 -12.35 30.63
CA LEU E 55 7.17 -13.14 31.85
C LEU E 55 8.58 -13.67 32.04
N SER E 56 9.40 -13.72 30.99
CA SER E 56 10.82 -14.04 31.13
C SER E 56 11.65 -12.80 31.32
N ALA E 57 11.25 -11.96 32.28
CA ALA E 57 12.01 -10.79 32.65
C ALA E 57 12.03 -10.71 34.16
N PHE E 58 11.60 -11.78 34.81
CA PHE E 58 11.41 -11.79 36.25
C PHE E 58 12.39 -12.70 36.98
N GLU E 59 13.38 -13.26 36.30
CA GLU E 59 14.35 -14.18 36.91
C GLU E 59 15.74 -13.62 36.67
N PRO E 60 16.32 -12.95 37.67
CA PRO E 60 17.65 -12.34 37.48
C PRO E 60 18.81 -13.27 37.72
N VAL E 61 18.60 -14.59 37.61
CA VAL E 61 19.56 -15.64 37.95
C VAL E 61 20.90 -15.49 37.22
N GLU E 62 21.99 -15.51 37.98
CA GLU E 62 23.33 -15.31 37.44
C GLU E 62 24.27 -16.46 37.82
N LEU F 3 14.18 -36.02 16.88
CA LEU F 3 15.39 -35.35 17.30
C LEU F 3 16.49 -35.47 16.24
N LEU F 4 17.16 -34.37 15.96
CA LEU F 4 18.25 -34.32 15.00
C LEU F 4 19.49 -33.71 15.63
N SER F 5 20.58 -33.70 14.87
CA SER F 5 21.86 -33.24 15.40
C SER F 5 21.91 -31.72 15.43
N LYS F 6 22.70 -31.18 16.36
CA LYS F 6 22.80 -29.74 16.54
C LYS F 6 23.57 -29.11 15.38
N LYS F 7 24.50 -29.85 14.78
CA LYS F 7 25.19 -29.37 13.59
C LYS F 7 24.22 -29.24 12.43
N VAL F 8 23.35 -30.23 12.27
CA VAL F 8 22.30 -30.18 11.24
C VAL F 8 21.32 -29.06 11.57
N MET F 9 21.05 -28.87 12.86
CA MET F 9 20.14 -27.80 13.30
C MET F 9 20.70 -26.43 12.94
N ASN F 10 21.98 -26.19 13.26
CA ASN F 10 22.60 -24.91 12.97
C ASN F 10 22.73 -24.68 11.47
N PHE F 11 23.12 -25.73 10.73
CA PHE F 11 23.27 -25.61 9.28
C PHE F 11 21.93 -25.34 8.61
N ALA F 12 20.88 -26.00 9.09
CA ALA F 12 19.56 -25.83 8.51
C ALA F 12 19.02 -24.44 8.83
N TYR F 13 19.26 -23.96 10.04
CA TYR F 13 18.79 -22.64 10.43
C TYR F 13 19.51 -21.55 9.64
N GLY F 14 20.82 -21.69 9.48
CA GLY F 14 21.59 -20.75 8.69
C GLY F 14 21.23 -20.75 7.22
N MET F 15 21.14 -21.94 6.61
CA MET F 15 20.82 -22.02 5.21
C MET F 15 19.38 -21.59 4.96
N GLY F 16 18.50 -21.83 5.93
CA GLY F 16 17.13 -21.38 5.81
C GLY F 16 17.01 -19.87 5.90
N ALA F 17 17.81 -19.26 6.77
CA ALA F 17 17.84 -17.80 6.85
C ALA F 17 18.38 -17.20 5.57
N ALA F 18 19.43 -17.82 5.01
CA ALA F 18 19.98 -17.33 3.76
C ALA F 18 18.98 -17.45 2.62
N VAL F 19 18.25 -18.56 2.59
CA VAL F 19 17.37 -18.77 1.45
C VAL F 19 16.10 -17.94 1.60
N VAL F 20 15.66 -17.61 2.83
CA VAL F 20 14.49 -16.75 2.95
C VAL F 20 14.85 -15.31 2.65
N ILE F 21 16.09 -14.88 2.97
CA ILE F 21 16.46 -13.51 2.66
C ILE F 21 16.66 -13.34 1.15
N VAL F 22 17.23 -14.33 0.47
CA VAL F 22 17.35 -14.20 -0.98
C VAL F 22 16.00 -14.43 -1.66
N GLY F 23 15.08 -15.11 -0.97
CA GLY F 23 13.71 -15.19 -1.46
C GLY F 23 13.00 -13.86 -1.40
N ALA F 24 13.17 -13.12 -0.31
CA ALA F 24 12.63 -11.77 -0.23
C ALA F 24 13.31 -10.85 -1.21
N LEU F 25 14.59 -11.12 -1.52
CA LEU F 25 15.30 -10.39 -2.55
C LEU F 25 14.65 -10.57 -3.91
N PHE F 26 14.31 -11.81 -4.27
CA PHE F 26 13.63 -12.05 -5.54
C PHE F 26 12.20 -11.51 -5.49
N LYS F 27 11.62 -11.45 -4.29
CA LYS F 27 10.28 -10.93 -4.13
C LYS F 27 10.21 -9.44 -4.39
N ILE F 28 11.22 -8.68 -3.97
CA ILE F 28 11.21 -7.24 -4.14
C ILE F 28 11.84 -6.82 -5.46
N THR F 29 12.32 -7.77 -6.26
CA THR F 29 12.98 -7.41 -7.50
C THR F 29 12.46 -8.11 -8.74
N HIS F 30 11.79 -9.27 -8.60
CA HIS F 30 11.17 -10.03 -9.69
C HIS F 30 12.18 -10.46 -10.76
N PHE F 31 13.18 -11.23 -10.35
CA PHE F 31 13.96 -12.03 -11.29
C PHE F 31 14.25 -13.38 -10.63
N GLU F 32 14.12 -14.44 -11.42
CA GLU F 32 13.73 -15.75 -10.90
C GLU F 32 14.55 -16.92 -11.40
N ILE F 33 15.47 -16.70 -12.34
CA ILE F 33 16.21 -17.71 -13.08
C ILE F 33 15.23 -18.67 -13.75
N GLY F 34 14.83 -19.72 -13.04
CA GLY F 34 13.99 -20.76 -13.60
C GLY F 34 12.64 -20.88 -12.92
N PRO F 35 12.36 -22.05 -12.36
CA PRO F 35 11.08 -22.28 -11.68
C PRO F 35 11.05 -21.87 -10.22
N LEU F 36 12.01 -21.06 -9.76
CA LEU F 36 12.04 -20.62 -8.37
C LEU F 36 10.96 -19.60 -8.08
N THR F 37 10.99 -18.47 -8.81
CA THR F 37 9.96 -17.41 -8.79
C THR F 37 9.75 -16.79 -7.41
N GLY F 38 10.77 -16.87 -6.55
CA GLY F 38 10.74 -16.15 -5.30
C GLY F 38 9.82 -16.70 -4.23
N THR F 39 8.51 -16.63 -4.49
CA THR F 39 7.45 -17.01 -3.57
C THR F 39 7.56 -18.47 -3.15
N VAL F 40 7.94 -19.33 -4.11
CA VAL F 40 8.20 -20.73 -3.78
C VAL F 40 9.42 -20.85 -2.88
N MET F 41 10.46 -20.08 -3.20
CA MET F 41 11.71 -20.13 -2.44
C MET F 41 11.52 -19.53 -1.06
N LEU F 42 10.79 -18.42 -1.00
CA LEU F 42 10.41 -17.79 0.26
C LEU F 42 9.66 -18.75 1.17
N SER F 43 8.71 -19.49 0.58
CA SER F 43 7.88 -20.38 1.37
C SER F 43 8.67 -21.59 1.85
N ILE F 44 9.50 -22.18 0.99
CA ILE F 44 10.25 -23.35 1.43
C ILE F 44 11.32 -22.95 2.44
N GLY F 45 11.84 -21.73 2.34
CA GLY F 45 12.75 -21.24 3.34
C GLY F 45 12.11 -21.07 4.71
N LEU F 46 10.98 -20.37 4.74
CA LEU F 46 10.26 -20.13 5.98
C LEU F 46 9.78 -21.45 6.59
N LEU F 47 9.36 -22.40 5.77
CA LEU F 47 8.88 -23.67 6.29
C LEU F 47 10.03 -24.52 6.81
N THR F 48 11.19 -24.47 6.12
CA THR F 48 12.33 -25.26 6.57
C THR F 48 12.88 -24.76 7.90
N GLU F 49 12.94 -23.45 8.10
CA GLU F 49 13.34 -23.03 9.44
C GLU F 49 12.15 -22.96 10.41
N ALA F 50 10.94 -23.23 9.93
CA ALA F 50 9.82 -23.44 10.85
C ALA F 50 9.90 -24.80 11.51
N LEU F 51 10.18 -25.83 10.72
CA LEU F 51 10.30 -27.18 11.28
C LEU F 51 11.50 -27.30 12.22
N ILE F 52 12.54 -26.48 11.99
CA ILE F 52 13.68 -26.42 12.90
C ILE F 52 13.24 -25.93 14.28
N PHE F 53 12.49 -24.82 14.30
CA PHE F 53 12.05 -24.28 15.58
C PHE F 53 10.97 -25.16 16.20
N ALA F 54 10.26 -25.93 15.38
CA ALA F 54 9.27 -26.86 15.90
C ALA F 54 9.90 -28.04 16.60
N LEU F 55 10.71 -28.83 15.88
CA LEU F 55 11.16 -30.11 16.43
C LEU F 55 12.30 -29.93 17.43
N SER F 56 12.90 -28.74 17.50
CA SER F 56 13.86 -28.47 18.55
C SER F 56 13.17 -28.21 19.88
N ALA F 57 11.88 -27.94 19.85
CA ALA F 57 11.13 -27.63 21.06
C ALA F 57 10.47 -28.89 21.61
N PHE F 58 11.23 -29.98 21.63
CA PHE F 58 10.76 -31.15 22.36
C PHE F 58 11.87 -31.72 23.24
N GLU F 59 13.10 -31.69 22.74
CA GLU F 59 14.26 -32.19 23.48
C GLU F 59 14.73 -31.15 24.47
N PRO F 60 14.59 -31.40 25.77
CA PRO F 60 14.74 -30.32 26.75
C PRO F 60 16.18 -30.08 27.19
N VAL F 61 17.14 -30.80 26.60
CA VAL F 61 18.52 -30.92 27.09
C VAL F 61 19.22 -29.58 27.22
N GLU F 62 20.10 -29.45 28.21
CA GLU F 62 20.74 -28.18 28.51
C GLU F 62 22.10 -28.40 29.17
N LEU G 3 35.08 -24.14 3.21
CA LEU G 3 36.50 -23.91 3.46
C LEU G 3 36.71 -22.45 3.82
N LEU G 4 36.66 -22.15 5.13
CA LEU G 4 36.72 -20.77 5.60
C LEU G 4 37.79 -20.55 6.66
N SER G 5 38.46 -19.40 6.61
CA SER G 5 39.46 -19.05 7.60
C SER G 5 38.94 -17.98 8.55
N LYS G 6 39.49 -17.96 9.76
CA LYS G 6 39.00 -17.05 10.79
C LYS G 6 39.54 -15.64 10.58
N LYS G 7 40.55 -15.49 9.72
CA LYS G 7 41.10 -14.17 9.42
C LYS G 7 40.08 -13.28 8.74
N VAL G 8 39.28 -13.84 7.85
CA VAL G 8 38.31 -13.05 7.11
C VAL G 8 36.90 -13.17 7.67
N MET G 9 36.70 -13.96 8.72
CA MET G 9 35.36 -14.19 9.26
C MET G 9 34.79 -12.92 9.88
N ASN G 10 35.56 -12.31 10.79
CA ASN G 10 35.12 -11.07 11.43
C ASN G 10 35.07 -9.94 10.42
N PHE G 11 35.94 -9.98 9.41
CA PHE G 11 35.91 -9.00 8.33
C PHE G 11 34.61 -9.10 7.55
N ALA G 12 34.18 -10.33 7.27
CA ALA G 12 32.94 -10.57 6.53
C ALA G 12 31.74 -10.10 7.36
N TYR G 13 31.78 -10.42 8.65
CA TYR G 13 30.68 -10.05 9.58
C TYR G 13 30.57 -8.52 9.69
N GLY G 14 31.71 -7.82 9.80
CA GLY G 14 31.68 -6.38 9.96
C GLY G 14 31.31 -5.65 8.68
N MET G 15 31.83 -6.12 7.54
CA MET G 15 31.53 -5.45 6.29
C MET G 15 30.09 -5.68 5.87
N GLY G 16 29.57 -6.87 6.14
CA GLY G 16 28.16 -7.10 5.86
C GLY G 16 27.25 -6.31 6.76
N ALA G 17 27.66 -6.15 8.03
CA ALA G 17 26.93 -5.28 8.94
C ALA G 17 26.93 -3.85 8.45
N ALA G 18 28.07 -3.37 7.96
CA ALA G 18 28.19 -2.00 7.49
C ALA G 18 27.33 -1.78 6.25
N VAL G 19 27.35 -2.74 5.32
CA VAL G 19 26.59 -2.52 4.09
C VAL G 19 25.10 -2.67 4.34
N VAL G 20 24.68 -3.53 5.27
CA VAL G 20 23.25 -3.64 5.51
C VAL G 20 22.74 -2.45 6.32
N ILE G 21 23.60 -1.85 7.15
CA ILE G 21 23.18 -0.67 7.88
C ILE G 21 23.11 0.54 6.97
N VAL G 22 24.08 0.71 6.06
CA VAL G 22 24.00 1.86 5.16
C VAL G 22 22.91 1.63 4.10
N GLY G 23 22.57 0.37 3.83
CA GLY G 23 21.45 0.10 2.95
C GLY G 23 20.12 0.44 3.58
N ALA G 24 19.93 0.08 4.85
CA ALA G 24 18.72 0.47 5.56
C ALA G 24 18.67 1.98 5.74
N LEU G 25 19.83 2.60 5.95
CA LEU G 25 19.96 4.04 6.05
C LEU G 25 19.49 4.73 4.77
N PHE G 26 19.90 4.19 3.61
CA PHE G 26 19.46 4.79 2.35
C PHE G 26 17.98 4.55 2.10
N LYS G 27 17.40 3.55 2.75
CA LYS G 27 16.00 3.23 2.50
C LYS G 27 15.06 4.05 3.39
N ILE G 28 15.47 4.34 4.62
CA ILE G 28 14.59 5.06 5.52
C ILE G 28 14.98 6.54 5.64
N THR G 29 15.92 7.00 4.82
CA THR G 29 16.19 8.42 4.73
C THR G 29 16.05 8.91 3.29
N HIS G 30 15.92 7.95 2.37
CA HIS G 30 15.77 8.25 0.92
C HIS G 30 16.97 9.07 0.44
N PHE G 31 17.80 8.50 -0.43
CA PHE G 31 18.99 9.20 -0.97
C PHE G 31 18.85 9.40 -2.48
N GLU G 32 19.95 9.80 -3.14
CA GLU G 32 19.93 10.04 -4.61
C GLU G 32 21.35 9.91 -5.16
N ILE G 33 22.32 9.61 -4.29
CA ILE G 33 23.75 9.46 -4.71
C ILE G 33 23.85 9.20 -6.21
N GLY G 34 23.93 7.92 -6.61
CA GLY G 34 24.03 7.55 -8.03
C GLY G 34 22.69 6.95 -8.39
N PRO G 35 22.63 5.88 -9.22
CA PRO G 35 21.36 5.26 -9.59
C PRO G 35 20.96 4.13 -8.64
N LEU G 36 20.74 4.45 -7.36
CA LEU G 36 20.34 3.46 -6.34
C LEU G 36 19.10 3.97 -5.59
N THR G 37 19.31 4.83 -4.60
CA THR G 37 18.22 5.44 -3.80
C THR G 37 17.34 4.37 -3.15
N GLY G 38 17.95 3.31 -2.60
CA GLY G 38 17.20 2.23 -1.92
C GLY G 38 16.75 1.13 -2.86
N THR G 39 16.34 -0.01 -2.30
CA THR G 39 15.88 -1.19 -3.10
C THR G 39 16.93 -1.48 -4.17
N VAL G 40 18.03 -0.73 -4.14
CA VAL G 40 19.11 -0.85 -5.11
C VAL G 40 20.35 -1.19 -4.30
N MET G 41 20.61 -0.39 -3.27
CA MET G 41 21.67 -0.73 -2.34
C MET G 41 21.17 -1.76 -1.32
N LEU G 42 19.88 -1.75 -1.03
CA LEU G 42 19.32 -2.74 -0.11
C LEU G 42 19.33 -4.11 -0.75
N SER G 43 19.11 -4.16 -2.07
CA SER G 43 19.23 -5.41 -2.81
C SER G 43 20.66 -5.90 -2.84
N ILE G 44 21.63 -5.00 -2.68
CA ILE G 44 22.98 -5.44 -2.38
C ILE G 44 23.10 -5.76 -0.90
N GLY G 45 22.42 -4.99 -0.05
CA GLY G 45 22.62 -5.11 1.39
C GLY G 45 22.10 -6.42 1.94
N LEU G 46 20.85 -6.75 1.65
CA LEU G 46 20.34 -8.00 2.18
C LEU G 46 20.85 -9.19 1.39
N LEU G 47 21.37 -9.00 0.18
CA LEU G 47 22.08 -10.08 -0.49
C LEU G 47 23.37 -10.42 0.24
N THR G 48 24.10 -9.39 0.68
CA THR G 48 25.30 -9.62 1.48
C THR G 48 24.93 -10.22 2.83
N GLU G 49 23.78 -9.83 3.38
CA GLU G 49 23.30 -10.44 4.62
C GLU G 49 22.95 -11.91 4.40
N ALA G 50 22.43 -12.23 3.21
CA ALA G 50 22.17 -13.61 2.86
C ALA G 50 23.46 -14.39 2.71
N LEU G 51 24.51 -13.74 2.21
CA LEU G 51 25.82 -14.38 2.11
C LEU G 51 26.40 -14.68 3.48
N ILE G 52 26.23 -13.75 4.43
CA ILE G 52 26.64 -13.98 5.82
C ILE G 52 25.86 -15.15 6.41
N PHE G 53 24.54 -15.14 6.23
CA PHE G 53 23.72 -16.18 6.82
C PHE G 53 23.96 -17.53 6.16
N ALA G 54 24.45 -17.51 4.92
CA ALA G 54 24.95 -18.72 4.29
C ALA G 54 26.21 -19.21 5.00
N LEU G 55 27.21 -18.34 5.14
CA LEU G 55 28.45 -18.75 5.79
C LEU G 55 28.41 -18.63 7.29
N SER G 56 27.24 -18.41 7.89
CA SER G 56 27.16 -18.32 9.34
C SER G 56 27.36 -19.67 10.01
N ALA G 57 26.76 -20.72 9.46
CA ALA G 57 26.85 -22.05 10.04
C ALA G 57 27.93 -22.83 9.31
N PHE G 58 29.17 -22.38 9.46
CA PHE G 58 30.31 -23.14 8.94
C PHE G 58 31.44 -23.21 9.95
N GLU G 59 31.14 -22.93 11.23
CA GLU G 59 31.99 -23.22 12.37
C GLU G 59 31.11 -23.69 13.53
N PRO G 60 30.83 -24.99 13.62
CA PRO G 60 29.80 -25.47 14.55
C PRO G 60 30.31 -25.84 15.94
N VAL G 61 31.48 -25.32 16.33
CA VAL G 61 32.11 -25.68 17.60
C VAL G 61 31.28 -25.11 18.75
N GLU G 62 31.26 -25.82 19.89
CA GLU G 62 30.44 -25.42 21.02
C GLU G 62 31.29 -24.96 22.19
#